data_2W01
#
_entry.id   2W01
#
_cell.length_a   62.445
_cell.length_b   84.090
_cell.length_c   115.328
_cell.angle_alpha   90.00
_cell.angle_beta   97.40
_cell.angle_gamma   90.00
#
_symmetry.space_group_name_H-M   'P 1 21 1'
#
loop_
_entity.id
_entity.type
_entity.pdbx_description
1 polymer 'ADENYLATE CYCLASE'
2 water water
#
_entity_poly.entity_id   1
_entity_poly.type   'polypeptide(L)'
_entity_poly.pdbx_seq_one_letter_code
;GIDPFTKMGGDRRPITILTSDLRGFTSTSEGLNPEEVVKVLNIYFGKMADVITHHGGTIDEFMGDGILVLFGAPTSQQDD
ALRAVACGVEMQLALREVNQQVTGLGLQPLEMGIGINTGEVVVGNIGSEKRTKYGVVGAQVNLTYRIESYTTGGQIFISS
TTLEAAGDRVHVNGNRTVQPKGVKDPVVIWDVAGVGEPYNLSLAVEEQ
;
_entity_poly.pdbx_strand_id   A,B,C,D,E,F
#
# COMPACT_ATOMS: atom_id res chain seq x y z
N MET A 8 3.97 1.00 6.07
CA MET A 8 3.86 2.03 5.00
C MET A 8 4.58 1.53 3.76
N GLY A 9 5.68 0.78 3.96
CA GLY A 9 6.57 0.40 2.86
C GLY A 9 7.69 1.41 2.72
N GLY A 10 7.44 2.63 3.18
CA GLY A 10 8.45 3.65 3.41
C GLY A 10 8.20 5.00 2.76
N ASP A 11 8.00 6.05 3.56
CA ASP A 11 7.96 7.42 3.05
C ASP A 11 8.81 8.37 3.91
N ARG A 12 9.58 9.25 3.28
CA ARG A 12 10.22 10.38 3.98
C ARG A 12 9.38 11.66 3.82
N ARG A 13 9.02 12.30 4.94
CA ARG A 13 8.10 13.43 4.92
C ARG A 13 8.22 14.30 6.19
N PRO A 14 7.83 15.58 6.06
CA PRO A 14 7.61 16.46 7.18
C PRO A 14 6.46 16.01 8.09
N ILE A 15 6.78 15.82 9.35
CA ILE A 15 5.72 15.67 10.31
C ILE A 15 6.08 16.47 11.56
N THR A 16 5.13 16.52 12.48
CA THR A 16 5.36 17.15 13.74
C THR A 16 5.33 16.07 14.82
N ILE A 17 6.40 16.00 15.61
CA ILE A 17 6.58 14.92 16.59
C ILE A 17 6.45 15.53 17.97
N LEU A 18 5.65 14.90 18.82
CA LEU A 18 5.45 15.29 20.21
C LEU A 18 5.84 14.10 21.08
N THR A 19 6.53 14.41 22.16
CA THR A 19 6.93 13.39 23.08
C THR A 19 6.75 13.93 24.52
N SER A 20 6.21 13.12 25.41
CA SER A 20 5.99 13.54 26.80
C SER A 20 6.68 12.59 27.75
N ASP A 21 6.98 13.05 28.94
CA ASP A 21 7.61 12.17 29.86
C ASP A 21 7.24 12.67 31.24
N LEU A 22 7.34 11.79 32.22
CA LEU A 22 6.89 12.08 33.58
C LEU A 22 8.06 12.43 34.52
N ARG A 23 8.83 13.45 34.17
CA ARG A 23 9.84 14.08 35.04
C ARG A 23 10.04 13.35 36.39
N GLY A 24 10.98 12.43 36.46
CA GLY A 24 11.24 11.72 37.72
C GLY A 24 10.23 10.76 38.36
N PHE A 25 9.30 10.18 37.58
CA PHE A 25 8.41 9.13 38.10
C PHE A 25 9.08 7.74 38.12
N THR A 26 10.01 7.52 37.17
CA THR A 26 10.96 6.40 37.14
C THR A 26 11.47 6.11 38.56
N SER A 27 12.12 7.13 39.10
CA SER A 27 12.76 7.12 40.41
C SER A 27 11.72 6.77 41.45
N THR A 28 10.85 7.72 41.78
CA THR A 28 9.87 7.59 42.87
C THR A 28 8.86 6.40 42.76
N SER A 29 8.73 5.78 41.58
CA SER A 29 7.85 4.61 41.44
C SER A 29 8.39 3.37 42.19
N GLU A 30 9.70 3.36 42.40
CA GLU A 30 10.37 2.31 43.16
C GLU A 30 9.76 2.14 44.56
N GLY A 31 9.19 3.23 45.12
CA GLY A 31 8.51 3.19 46.43
C GLY A 31 7.08 2.64 46.46
N LEU A 32 6.50 2.37 45.30
CA LEU A 32 5.07 2.10 45.19
C LEU A 32 4.79 0.64 45.06
N ASN A 33 3.63 0.19 45.52
CA ASN A 33 3.27 -1.20 45.19
C ASN A 33 2.94 -1.38 43.69
N PRO A 34 3.30 -2.52 43.09
CA PRO A 34 3.22 -2.74 41.62
C PRO A 34 1.85 -2.44 40.99
N GLU A 35 0.79 -2.66 41.75
CA GLU A 35 -0.55 -2.30 41.31
C GLU A 35 -0.79 -0.81 41.26
N GLU A 36 -0.21 -0.07 42.20
CA GLU A 36 -0.28 1.40 42.24
C GLU A 36 0.46 2.04 41.05
N VAL A 37 1.67 1.54 40.75
CA VAL A 37 2.45 2.01 39.56
C VAL A 37 1.61 1.81 38.30
N VAL A 38 1.15 0.60 38.08
CA VAL A 38 0.34 0.29 36.91
C VAL A 38 -0.95 1.13 36.80
N LYS A 39 -1.56 1.44 37.96
CA LYS A 39 -2.86 2.13 38.03
C LYS A 39 -2.71 3.61 37.70
N VAL A 40 -1.71 4.24 38.31
CA VAL A 40 -1.38 5.63 38.06
C VAL A 40 -1.03 5.85 36.58
N LEU A 41 -0.31 4.89 36.01
CA LEU A 41 0.14 4.95 34.65
C LEU A 41 -1.02 4.76 33.66
N ASN A 42 -1.95 3.90 34.01
CA ASN A 42 -3.12 3.70 33.16
C ASN A 42 -4.06 4.91 33.19
N ILE A 43 -4.25 5.51 34.36
CA ILE A 43 -5.01 6.74 34.50
C ILE A 43 -4.40 7.86 33.63
N TYR A 44 -3.09 8.05 33.76
CA TYR A 44 -2.35 8.99 32.93
C TYR A 44 -2.46 8.70 31.39
N PHE A 45 -2.15 7.49 31.01
CA PHE A 45 -2.20 7.07 29.60
C PHE A 45 -3.58 7.16 28.97
N GLY A 46 -4.61 6.72 29.71
CA GLY A 46 -5.99 6.81 29.29
C GLY A 46 -6.41 8.23 29.04
N LYS A 47 -6.16 9.11 30.01
CA LYS A 47 -6.42 10.54 29.92
C LYS A 47 -5.63 11.26 28.79
N MET A 48 -4.32 10.99 28.66
CA MET A 48 -3.56 11.56 27.52
C MET A 48 -4.09 11.12 26.16
N ALA A 49 -4.45 9.83 26.06
CA ALA A 49 -4.96 9.20 24.81
C ALA A 49 -6.25 9.84 24.32
N ASP A 50 -7.09 10.26 25.25
CA ASP A 50 -8.23 11.13 24.99
C ASP A 50 -7.87 12.47 24.37
N VAL A 51 -6.93 13.19 24.94
CA VAL A 51 -6.56 14.48 24.35
C VAL A 51 -5.86 14.35 22.99
N ILE A 52 -4.99 13.36 22.83
CA ILE A 52 -4.30 13.10 21.57
C ILE A 52 -5.25 12.83 20.40
N THR A 53 -6.23 11.96 20.67
CA THR A 53 -7.26 11.54 19.77
C THR A 53 -8.16 12.71 19.36
N HIS A 54 -8.54 13.54 20.33
CA HIS A 54 -9.30 14.77 20.09
C HIS A 54 -8.51 15.71 19.18
N HIS A 55 -7.20 15.71 19.28
CA HIS A 55 -6.42 16.52 18.36
C HIS A 55 -5.90 15.83 17.08
N GLY A 56 -6.35 14.62 16.82
CA GLY A 56 -5.96 13.89 15.59
C GLY A 56 -4.50 13.49 15.52
N GLY A 57 -3.91 13.23 16.67
CA GLY A 57 -2.60 12.59 16.72
C GLY A 57 -2.58 11.06 16.71
N THR A 58 -1.44 10.54 16.25
CA THR A 58 -1.13 9.12 16.18
C THR A 58 -0.21 8.73 17.33
N ILE A 59 -0.72 7.93 18.26
CA ILE A 59 0.09 7.40 19.35
C ILE A 59 1.03 6.37 18.76
N ASP A 60 2.27 6.76 18.55
CA ASP A 60 3.21 5.83 17.97
C ASP A 60 3.70 4.81 19.02
N GLU A 61 4.02 5.29 20.22
CA GLU A 61 4.32 4.37 21.31
C GLU A 61 4.21 4.91 22.75
N PHE A 62 3.94 3.96 23.64
CA PHE A 62 3.96 4.10 25.12
C PHE A 62 5.26 3.46 25.57
N MET A 63 6.10 4.23 26.26
CA MET A 63 7.52 3.87 26.51
C MET A 63 7.82 4.12 27.96
N GLY A 64 7.53 3.12 28.80
CA GLY A 64 7.71 3.25 30.25
C GLY A 64 6.72 4.27 30.79
N ASP A 65 7.16 5.53 30.96
CA ASP A 65 6.22 6.61 31.32
C ASP A 65 6.27 7.75 30.31
N GLY A 66 6.43 7.39 29.05
CA GLY A 66 6.56 8.37 28.01
C GLY A 66 5.59 7.99 26.93
N ILE A 67 5.32 8.94 26.05
CA ILE A 67 4.40 8.77 24.94
C ILE A 67 5.06 9.41 23.73
N LEU A 68 4.94 8.78 22.57
CA LEU A 68 5.51 9.36 21.35
C LEU A 68 4.32 9.55 20.46
N VAL A 69 4.13 10.76 19.96
CA VAL A 69 2.98 11.00 19.12
C VAL A 69 3.29 11.68 17.77
N LEU A 70 2.59 11.27 16.71
CA LEU A 70 2.82 11.83 15.37
C LEU A 70 1.62 12.60 14.86
N PHE A 71 1.87 13.77 14.29
CA PHE A 71 0.86 14.55 13.53
C PHE A 71 1.42 14.69 12.13
N GLY A 72 0.77 14.07 11.17
CA GLY A 72 1.26 14.01 9.80
C GLY A 72 1.44 12.59 9.25
N ALA A 73 1.22 11.58 10.09
CA ALA A 73 1.42 10.19 9.73
C ALA A 73 0.42 9.38 10.52
N PRO A 74 -0.34 8.51 9.84
CA PRO A 74 -0.36 8.05 8.43
C PRO A 74 -0.89 9.08 7.44
N THR A 75 -1.65 10.03 7.96
CA THR A 75 -2.35 11.07 7.21
C THR A 75 -1.83 12.43 7.63
N SER A 76 -1.71 13.36 6.69
CA SER A 76 -1.33 14.73 7.07
C SER A 76 -2.35 15.82 6.68
N GLN A 77 -2.13 17.02 7.19
CA GLN A 77 -2.98 18.22 7.05
C GLN A 77 -2.13 19.49 7.10
N GLN A 78 -2.73 20.64 6.82
CA GLN A 78 -1.99 21.89 6.84
C GLN A 78 -1.64 22.31 8.28
N ASP A 79 -2.54 22.04 9.23
CA ASP A 79 -2.36 22.41 10.66
C ASP A 79 -1.72 21.34 11.58
N ASP A 80 -0.94 20.42 11.03
CA ASP A 80 -0.34 19.35 11.84
C ASP A 80 0.40 19.95 13.03
N ALA A 81 1.26 20.95 12.77
CA ALA A 81 2.05 21.60 13.84
C ALA A 81 1.23 22.39 14.86
N LEU A 82 0.27 23.17 14.38
CA LEU A 82 -0.73 23.79 15.28
C LEU A 82 -1.50 22.79 16.19
N ARG A 83 -2.03 21.73 15.59
CA ARG A 83 -2.75 20.71 16.33
C ARG A 83 -1.83 20.10 17.35
N ALA A 84 -0.53 19.96 17.04
CA ALA A 84 0.39 19.33 17.98
C ALA A 84 0.63 20.20 19.22
N VAL A 85 0.85 21.48 19.01
CA VAL A 85 1.04 22.42 20.07
C VAL A 85 -0.21 22.49 20.89
N ALA A 86 -1.38 22.58 20.24
CA ALA A 86 -2.64 22.61 20.98
C ALA A 86 -2.84 21.35 21.78
N CYS A 87 -2.45 20.21 21.22
CA CYS A 87 -2.47 18.97 21.95
C CYS A 87 -1.55 18.99 23.17
N GLY A 88 -0.30 19.44 23.00
CA GLY A 88 0.63 19.64 24.13
C GLY A 88 0.04 20.42 25.32
N VAL A 89 -0.48 21.63 25.06
CA VAL A 89 -1.13 22.48 26.06
C VAL A 89 -2.32 21.78 26.76
N GLU A 90 -3.22 21.18 25.99
CA GLU A 90 -4.32 20.42 26.59
C GLU A 90 -3.84 19.15 27.32
N MET A 91 -2.78 18.46 26.86
CA MET A 91 -2.17 17.37 27.70
C MET A 91 -1.78 17.85 29.12
N GLN A 92 -1.03 18.93 29.18
CA GLN A 92 -0.67 19.51 30.46
C GLN A 92 -1.90 19.87 31.31
N LEU A 93 -2.93 20.42 30.68
CA LEU A 93 -4.10 20.86 31.45
C LEU A 93 -4.91 19.63 31.94
N ALA A 94 -5.01 18.59 31.12
CA ALA A 94 -5.60 17.31 31.53
C ALA A 94 -4.88 16.55 32.69
N LEU A 95 -3.62 16.90 32.92
CA LEU A 95 -2.85 16.32 33.99
C LEU A 95 -3.34 16.80 35.36
N ARG A 96 -3.87 18.01 35.45
CA ARG A 96 -4.42 18.51 36.73
C ARG A 96 -5.51 17.55 37.22
N GLU A 97 -6.28 17.07 36.27
CA GLU A 97 -7.34 16.11 36.51
C GLU A 97 -6.79 14.77 36.98
N VAL A 98 -5.80 14.25 36.25
CA VAL A 98 -5.23 13.00 36.62
C VAL A 98 -4.58 13.13 37.97
N ASN A 99 -4.06 14.33 38.29
CA ASN A 99 -3.41 14.56 39.58
C ASN A 99 -4.40 14.63 40.77
N GLN A 100 -5.59 15.20 40.56
CA GLN A 100 -6.66 15.08 41.57
C GLN A 100 -6.95 13.61 41.87
N GLN A 101 -7.10 12.76 40.83
CA GLN A 101 -7.34 11.31 41.06
C GLN A 101 -6.15 10.61 41.72
N VAL A 102 -4.93 10.82 41.17
CA VAL A 102 -3.71 10.15 41.67
C VAL A 102 -3.53 10.55 43.14
N THR A 103 -3.84 11.80 43.43
CA THR A 103 -3.72 12.42 44.76
C THR A 103 -4.67 11.85 45.81
N GLY A 104 -5.90 11.57 45.39
CA GLY A 104 -6.87 10.89 46.26
C GLY A 104 -6.74 9.38 46.24
N LEU A 105 -5.77 8.85 45.47
CA LEU A 105 -5.39 7.43 45.63
C LEU A 105 -4.34 7.36 46.75
N GLY A 106 -4.00 8.52 47.30
CA GLY A 106 -3.06 8.64 48.40
C GLY A 106 -1.65 8.87 47.94
N LEU A 107 -1.47 9.09 46.63
CA LEU A 107 -0.13 9.13 46.00
C LEU A 107 0.25 10.57 45.63
N GLN A 108 1.51 10.83 45.33
CA GLN A 108 1.84 12.20 44.98
C GLN A 108 1.51 12.43 43.49
N PRO A 109 1.27 13.70 43.13
CA PRO A 109 0.95 14.12 41.77
C PRO A 109 2.10 13.88 40.80
N LEU A 110 1.77 13.77 39.51
CA LEU A 110 2.75 13.56 38.46
C LEU A 110 3.12 14.89 37.91
N GLU A 111 4.37 15.06 37.51
CA GLU A 111 4.71 16.18 36.65
C GLU A 111 5.23 15.75 35.26
N MET A 112 4.87 16.51 34.25
CA MET A 112 5.11 16.02 32.92
C MET A 112 5.77 17.09 32.08
N GLY A 113 6.76 16.64 31.30
CA GLY A 113 7.43 17.54 30.39
C GLY A 113 7.13 17.13 28.98
N ILE A 114 7.06 18.12 28.08
CA ILE A 114 6.71 17.86 26.65
C ILE A 114 7.66 18.61 25.72
N GLY A 115 8.17 17.89 24.72
CA GLY A 115 8.97 18.45 23.63
C GLY A 115 8.26 18.21 22.31
N ILE A 116 8.31 19.17 21.40
CA ILE A 116 7.68 19.07 20.08
C ILE A 116 8.71 19.58 19.02
N ASN A 117 8.85 18.82 17.93
CA ASN A 117 9.72 19.16 16.83
C ASN A 117 9.03 18.82 15.55
N THR A 118 9.28 19.63 14.53
CA THR A 118 8.72 19.40 13.19
C THR A 118 9.85 19.19 12.21
N GLY A 119 9.77 18.14 11.37
CA GLY A 119 10.82 17.93 10.39
C GLY A 119 10.62 16.70 9.54
N GLU A 120 11.53 16.51 8.58
CA GLU A 120 11.51 15.35 7.68
C GLU A 120 11.91 14.06 8.42
N VAL A 121 11.06 13.04 8.37
CA VAL A 121 11.42 11.76 8.98
C VAL A 121 11.02 10.68 8.00
N VAL A 122 11.58 9.47 8.16
CA VAL A 122 11.09 8.28 7.50
C VAL A 122 9.98 7.65 8.35
N VAL A 123 8.82 7.39 7.76
CA VAL A 123 7.74 6.62 8.39
C VAL A 123 7.44 5.35 7.59
N GLY A 124 7.03 4.28 8.27
CA GLY A 124 6.57 3.07 7.63
C GLY A 124 6.49 1.95 8.62
N ASN A 125 5.85 0.85 8.22
CA ASN A 125 5.79 -0.41 8.97
C ASN A 125 7.10 -1.17 9.17
N ILE A 126 7.63 -1.06 10.38
CA ILE A 126 8.87 -1.69 10.86
C ILE A 126 8.59 -2.95 11.72
N GLY A 127 9.32 -4.04 11.53
CA GLY A 127 9.16 -5.17 12.43
C GLY A 127 9.47 -6.52 11.82
N SER A 128 8.86 -7.56 12.40
CA SER A 128 9.03 -8.97 11.97
C SER A 128 7.74 -9.56 11.33
N GLU A 129 7.55 -10.90 11.33
CA GLU A 129 6.27 -11.52 10.90
C GLU A 129 5.14 -11.20 11.88
N LYS A 130 5.26 -11.81 13.06
CA LYS A 130 4.23 -11.81 14.08
C LYS A 130 4.12 -10.49 14.83
N ARG A 131 4.75 -9.43 14.32
CA ARG A 131 4.91 -8.20 15.10
C ARG A 131 5.47 -7.04 14.30
N THR A 132 4.65 -6.47 13.42
CA THR A 132 4.99 -5.22 12.74
C THR A 132 4.65 -3.94 13.56
N LYS A 133 5.44 -2.89 13.39
CA LYS A 133 5.23 -1.64 14.16
C LYS A 133 5.32 -0.45 13.19
N TYR A 134 4.35 0.46 13.25
CA TYR A 134 4.41 1.69 12.47
C TYR A 134 5.45 2.61 13.05
N GLY A 135 6.53 2.83 12.33
CA GLY A 135 7.69 3.40 12.93
C GLY A 135 8.23 4.65 12.30
N VAL A 136 9.11 5.29 13.04
CA VAL A 136 9.61 6.55 12.62
C VAL A 136 11.09 6.54 12.88
N VAL A 137 11.86 7.00 11.89
CA VAL A 137 13.28 6.94 11.94
C VAL A 137 13.83 8.25 11.49
N GLY A 138 14.75 8.78 12.28
CA GLY A 138 15.69 9.77 11.76
C GLY A 138 16.07 10.74 12.85
N ALA A 139 17.12 11.51 12.60
CA ALA A 139 17.66 12.60 13.42
C ALA A 139 16.63 13.51 14.03
N GLN A 140 15.59 13.81 13.25
CA GLN A 140 14.50 14.70 13.71
C GLN A 140 13.67 14.05 14.82
N VAL A 141 13.56 12.71 14.81
CA VAL A 141 12.92 11.99 15.92
C VAL A 141 13.66 12.20 17.24
N ASN A 142 14.92 11.79 17.29
CA ASN A 142 15.87 12.05 18.40
C ASN A 142 15.94 13.52 18.94
N LEU A 143 15.86 14.49 18.06
CA LEU A 143 15.96 15.88 18.47
C LEU A 143 14.74 16.21 19.34
N THR A 144 13.61 15.56 19.06
CA THR A 144 12.41 15.81 19.86
C THR A 144 12.51 15.37 21.35
N TYR A 145 13.00 14.16 21.60
CA TYR A 145 13.43 13.67 22.88
C TYR A 145 14.42 14.58 23.58
N ARG A 146 15.43 15.03 22.85
CA ARG A 146 16.42 15.97 23.37
C ARG A 146 15.82 17.31 23.82
N ILE A 147 14.90 17.84 23.04
CA ILE A 147 14.16 19.08 23.35
C ILE A 147 13.32 18.88 24.64
N GLU A 148 12.57 17.78 24.67
CA GLU A 148 11.83 17.38 25.85
C GLU A 148 12.71 17.33 27.12
N SER A 149 13.94 16.83 27.01
CA SER A 149 14.90 16.77 28.14
C SER A 149 15.20 18.09 28.93
N TYR A 150 15.11 19.28 28.29
CA TYR A 150 15.37 20.60 28.92
C TYR A 150 14.25 21.14 29.81
N THR A 151 13.14 20.47 29.66
CA THR A 151 11.88 20.84 30.20
C THR A 151 11.81 20.44 31.70
N THR A 152 11.12 21.24 32.51
CA THR A 152 10.71 20.77 33.84
C THR A 152 9.21 20.53 33.84
N GLY A 153 8.65 20.20 35.00
CA GLY A 153 7.22 19.91 35.11
C GLY A 153 6.34 21.06 34.67
N GLY A 154 5.33 20.75 33.87
CA GLY A 154 4.36 21.71 33.37
C GLY A 154 4.85 22.41 32.11
N GLN A 155 6.02 22.12 31.61
CA GLN A 155 6.52 22.87 30.47
C GLN A 155 6.37 22.16 29.13
N ILE A 156 6.18 22.97 28.09
CA ILE A 156 6.22 22.55 26.70
C ILE A 156 7.29 23.36 25.97
N PHE A 157 8.35 22.66 25.55
CA PHE A 157 9.37 23.18 24.68
C PHE A 157 9.19 22.72 23.24
N ILE A 158 9.29 23.66 22.31
CA ILE A 158 9.12 23.43 20.88
C ILE A 158 10.28 24.06 20.10
N SER A 159 10.70 23.38 19.05
CA SER A 159 11.72 23.93 18.19
C SER A 159 11.21 25.08 17.30
N SER A 160 12.14 25.80 16.70
CA SER A 160 11.82 26.87 15.78
C SER A 160 11.00 26.37 14.56
N THR A 161 11.29 25.17 14.08
CA THR A 161 10.51 24.67 12.95
C THR A 161 9.03 24.37 13.27
N THR A 162 8.74 23.86 14.47
CA THR A 162 7.36 23.77 14.97
C THR A 162 6.70 25.14 15.14
N LEU A 163 7.42 26.15 15.65
CA LEU A 163 6.77 27.48 15.76
C LEU A 163 6.45 28.06 14.38
N GLU A 164 7.36 27.92 13.42
CA GLU A 164 7.11 28.56 12.13
C GLU A 164 6.00 27.85 11.44
N ALA A 165 6.04 26.52 11.55
CA ALA A 165 5.05 25.66 10.89
C ALA A 165 3.66 25.88 11.50
N ALA A 166 3.59 26.06 12.83
CA ALA A 166 2.31 26.28 13.53
C ALA A 166 1.74 27.70 13.34
N GLY A 167 2.60 28.69 13.27
CA GLY A 167 2.15 30.06 13.12
C GLY A 167 2.01 30.78 14.47
N ASP A 168 1.81 32.09 14.37
CA ASP A 168 1.61 32.99 15.52
C ASP A 168 0.38 32.77 16.45
N ARG A 169 -0.49 31.82 16.14
CA ARG A 169 -1.53 31.41 17.12
C ARG A 169 -0.88 30.65 18.24
N VAL A 170 0.38 30.27 18.08
CA VAL A 170 1.11 29.69 19.17
C VAL A 170 1.71 30.81 20.03
N HIS A 171 1.27 30.89 21.28
CA HIS A 171 1.74 31.93 22.21
C HIS A 171 2.93 31.44 23.02
N VAL A 172 3.97 32.27 23.15
CA VAL A 172 5.30 31.86 23.63
C VAL A 172 5.82 32.79 24.76
N ASN A 173 6.42 32.20 25.80
CA ASN A 173 6.94 32.96 26.94
C ASN A 173 8.36 33.44 26.62
N GLY A 174 9.06 32.72 25.74
CA GLY A 174 10.44 33.06 25.47
C GLY A 174 11.17 31.88 24.88
N ASN A 175 12.49 31.96 24.78
CA ASN A 175 13.28 30.91 24.13
C ASN A 175 14.49 30.56 24.96
N ARG A 176 15.16 29.46 24.59
CA ARG A 176 16.35 28.98 25.26
C ARG A 176 17.20 28.48 24.10
N THR A 177 18.48 28.73 24.17
CA THR A 177 19.33 28.20 23.12
C THR A 177 20.17 27.06 23.69
N VAL A 178 20.04 25.89 23.07
CA VAL A 178 20.69 24.66 23.57
C VAL A 178 21.44 23.94 22.48
N GLN A 179 22.24 22.95 22.87
CA GLN A 179 23.08 22.18 21.95
C GLN A 179 23.38 20.87 22.66
N PRO A 180 22.49 19.86 22.48
CA PRO A 180 22.64 18.54 23.12
C PRO A 180 23.80 17.73 22.50
N LYS A 181 24.30 16.71 23.22
CA LYS A 181 25.53 15.97 22.81
C LYS A 181 25.43 15.60 21.36
N GLY A 182 26.48 15.91 20.62
CA GLY A 182 26.58 15.64 19.21
C GLY A 182 25.65 16.40 18.30
N VAL A 183 25.14 17.58 18.71
CA VAL A 183 24.39 18.45 17.79
C VAL A 183 25.30 19.54 17.20
N LYS A 184 25.23 19.66 15.87
CA LYS A 184 26.17 20.43 15.07
C LYS A 184 26.24 21.91 15.45
N ASP A 185 25.07 22.54 15.58
CA ASP A 185 24.91 23.95 16.00
C ASP A 185 23.82 24.08 17.08
N PRO A 186 23.85 25.18 17.85
CA PRO A 186 22.78 25.37 18.87
C PRO A 186 21.36 25.40 18.27
N VAL A 187 20.37 24.84 18.95
CA VAL A 187 18.97 25.06 18.54
C VAL A 187 18.22 25.97 19.51
N VAL A 188 17.43 26.91 18.97
CA VAL A 188 16.57 27.68 19.86
C VAL A 188 15.27 26.89 20.03
N ILE A 189 14.85 26.74 21.29
CA ILE A 189 13.58 26.14 21.59
C ILE A 189 12.66 27.15 22.28
N TRP A 190 11.37 26.93 22.14
CA TRP A 190 10.41 27.93 22.57
C TRP A 190 9.54 27.39 23.69
N ASP A 191 9.45 28.22 24.70
CA ASP A 191 8.64 27.94 25.85
C ASP A 191 7.15 28.29 25.57
N VAL A 192 6.29 27.26 25.38
CA VAL A 192 4.88 27.52 25.04
C VAL A 192 4.07 28.01 26.24
N ALA A 193 3.34 29.12 26.06
CA ALA A 193 2.34 29.64 27.00
C ALA A 193 0.94 29.13 26.75
N GLY A 194 0.55 29.07 25.48
CA GLY A 194 -0.79 28.65 25.06
C GLY A 194 -1.01 28.77 23.54
N VAL A 195 -2.23 28.48 23.10
CA VAL A 195 -2.61 28.64 21.66
C VAL A 195 -3.86 29.52 21.56
N GLY A 196 -3.90 30.43 20.60
CA GLY A 196 -4.97 31.43 20.45
C GLY A 196 -6.11 30.83 19.66
N GLU A 197 -6.94 31.68 19.07
CA GLU A 197 -8.12 31.21 18.28
C GLU A 197 -7.74 30.15 17.26
N PRO A 198 -8.54 29.10 17.08
CA PRO A 198 -9.81 28.77 17.73
C PRO A 198 -9.68 27.86 18.95
N TYR A 199 -8.47 27.74 19.52
CA TYR A 199 -8.29 26.82 20.62
C TYR A 199 -8.50 27.49 21.94
N ASN A 200 -7.92 28.68 22.09
CA ASN A 200 -7.88 29.41 23.36
C ASN A 200 -7.55 28.55 24.56
N LEU A 201 -6.41 27.90 24.44
CA LEU A 201 -5.87 27.04 25.49
C LEU A 201 -4.66 27.71 26.10
N SER A 202 -4.66 27.83 27.42
CA SER A 202 -3.58 28.48 28.12
C SER A 202 -3.11 27.64 29.30
N LEU A 203 -1.80 27.55 29.50
CA LEU A 203 -1.21 27.00 30.72
C LEU A 203 -1.48 27.86 31.97
N ALA A 204 -1.30 29.18 31.82
CA ALA A 204 -1.73 30.15 32.82
C ALA A 204 -2.91 30.95 32.26
N VAL A 205 -3.88 31.30 33.11
CA VAL A 205 -5.00 32.14 32.65
C VAL A 205 -4.60 33.62 32.42
N GLU A 206 -5.02 34.16 31.29
CA GLU A 206 -4.94 35.60 31.03
C GLU A 206 -5.89 36.28 32.01
N GLU A 207 -5.32 37.03 32.95
CA GLU A 207 -6.11 37.55 34.08
C GLU A 207 -6.86 38.82 33.70
N GLN A 208 -8.17 38.80 33.90
CA GLN A 208 -9.03 39.87 33.41
C GLN A 208 -9.17 40.94 34.47
N MET B 8 -6.85 -3.57 38.57
CA MET B 8 -5.92 -3.75 37.40
C MET B 8 -4.45 -3.37 37.73
N GLY B 9 -3.55 -4.36 37.63
CA GLY B 9 -2.16 -4.19 38.07
C GLY B 9 -1.14 -5.22 37.61
N GLY B 10 -0.11 -5.43 38.41
CA GLY B 10 1.03 -6.26 38.03
C GLY B 10 1.98 -6.56 39.19
N ASP B 11 3.21 -6.90 38.86
CA ASP B 11 4.15 -7.49 39.82
C ASP B 11 5.52 -6.81 39.76
N ARG B 12 6.18 -6.72 40.91
CA ARG B 12 7.58 -6.32 40.98
C ARG B 12 8.46 -7.56 41.07
N ARG B 13 9.45 -7.66 40.21
CA ARG B 13 10.28 -8.85 40.20
C ARG B 13 11.60 -8.58 39.52
N PRO B 14 12.60 -9.44 39.80
CA PRO B 14 13.93 -9.40 39.17
C PRO B 14 13.85 -10.03 37.82
N ILE B 15 14.35 -9.30 36.85
CA ILE B 15 14.44 -9.75 35.47
C ILE B 15 15.73 -9.21 34.86
N THR B 16 16.22 -9.90 33.84
CA THR B 16 17.33 -9.47 33.01
C THR B 16 16.77 -8.79 31.75
N ILE B 17 17.17 -7.56 31.52
CA ILE B 17 16.67 -6.87 30.36
C ILE B 17 17.84 -6.66 29.38
N LEU B 18 17.58 -6.90 28.10
CA LEU B 18 18.60 -6.71 27.07
C LEU B 18 18.11 -5.61 26.13
N THR B 19 18.98 -4.69 25.75
CA THR B 19 18.60 -3.74 24.71
C THR B 19 19.66 -3.60 23.63
N SER B 20 19.26 -3.45 22.37
CA SER B 20 20.26 -3.30 21.30
C SER B 20 19.96 -2.03 20.51
N ASP B 21 20.90 -1.60 19.71
CA ASP B 21 20.85 -0.28 19.11
C ASP B 21 21.69 -0.42 17.86
N LEU B 22 21.27 0.20 16.77
CA LEU B 22 22.08 0.20 15.55
C LEU B 22 22.88 1.50 15.57
N ARG B 23 24.11 1.42 16.05
CA ARG B 23 25.06 2.56 16.18
C ARG B 23 25.23 3.31 14.86
N GLY B 24 25.05 4.63 14.88
CA GLY B 24 25.23 5.44 13.67
C GLY B 24 24.11 5.39 12.63
N PHE B 25 23.11 4.53 12.85
CA PHE B 25 22.06 4.31 11.85
C PHE B 25 21.09 5.47 11.63
N THR B 26 20.68 6.12 12.70
CA THR B 26 19.80 7.30 12.57
C THR B 26 20.41 8.28 11.55
N SER B 27 21.67 8.57 11.79
CA SER B 27 22.48 9.45 10.97
C SER B 27 22.62 8.89 9.54
N THR B 28 23.06 7.66 9.37
CA THR B 28 23.13 7.02 8.04
C THR B 28 21.77 6.95 7.28
N SER B 29 20.65 6.71 7.99
CA SER B 29 19.31 6.63 7.39
C SER B 29 18.86 7.92 6.65
N GLU B 30 19.44 9.04 7.09
CA GLU B 30 19.15 10.36 6.57
C GLU B 30 19.65 10.52 5.12
N GLY B 31 20.61 9.67 4.72
CA GLY B 31 21.00 9.52 3.32
C GLY B 31 20.32 8.47 2.45
N LEU B 32 19.54 7.58 3.07
CA LEU B 32 18.90 6.52 2.29
C LEU B 32 17.57 6.91 1.71
N ASN B 33 17.13 6.14 0.74
CA ASN B 33 15.80 6.34 0.22
C ASN B 33 14.89 5.69 1.29
N PRO B 34 13.65 6.16 1.47
CA PRO B 34 12.86 5.63 2.59
C PRO B 34 12.45 4.13 2.54
N GLU B 35 12.38 3.55 1.34
CA GLU B 35 12.08 2.12 1.12
C GLU B 35 13.24 1.30 1.61
N GLU B 36 14.43 1.84 1.43
CA GLU B 36 15.68 1.22 1.84
C GLU B 36 15.78 1.23 3.37
N VAL B 37 15.46 2.35 4.03
CA VAL B 37 15.51 2.42 5.51
C VAL B 37 14.61 1.32 6.14
N VAL B 38 13.38 1.18 5.60
CA VAL B 38 12.40 0.24 6.12
C VAL B 38 12.84 -1.20 5.85
N LYS B 39 13.36 -1.46 4.67
CA LYS B 39 13.84 -2.77 4.32
C LYS B 39 14.99 -3.22 5.22
N VAL B 40 16.00 -2.36 5.37
CA VAL B 40 17.07 -2.64 6.29
C VAL B 40 16.57 -2.95 7.74
N LEU B 41 15.63 -2.15 8.25
CA LEU B 41 15.13 -2.40 9.59
C LEU B 41 14.47 -3.77 9.68
N ASN B 42 13.71 -4.11 8.65
CA ASN B 42 12.94 -5.34 8.57
C ASN B 42 13.78 -6.58 8.43
N ILE B 43 14.86 -6.48 7.68
CA ILE B 43 15.85 -7.56 7.59
C ILE B 43 16.50 -7.80 8.98
N TYR B 44 16.86 -6.71 9.64
CA TYR B 44 17.50 -6.78 10.93
C TYR B 44 16.57 -7.30 12.04
N PHE B 45 15.36 -6.77 12.14
CA PHE B 45 14.37 -7.22 13.08
C PHE B 45 13.90 -8.66 12.81
N GLY B 46 13.78 -9.02 11.53
CA GLY B 46 13.34 -10.37 11.17
C GLY B 46 14.24 -11.43 11.78
N LYS B 47 15.55 -11.22 11.65
CA LYS B 47 16.55 -12.15 12.10
C LYS B 47 16.73 -12.05 13.64
N MET B 48 16.82 -10.82 14.18
CA MET B 48 16.94 -10.68 15.63
C MET B 48 15.80 -11.35 16.34
N ALA B 49 14.62 -11.32 15.75
CA ALA B 49 13.42 -11.89 16.38
C ALA B 49 13.51 -13.43 16.44
N ASP B 50 14.01 -14.00 15.36
CA ASP B 50 14.47 -15.38 15.26
C ASP B 50 15.42 -15.81 16.38
N VAL B 51 16.46 -15.00 16.62
CA VAL B 51 17.45 -15.31 17.64
C VAL B 51 16.89 -15.20 19.06
N ILE B 52 16.19 -14.11 19.29
CA ILE B 52 15.51 -13.89 20.53
C ILE B 52 14.51 -15.01 20.79
N THR B 53 13.67 -15.33 19.82
CA THR B 53 12.62 -16.37 20.05
C THR B 53 13.27 -17.74 20.37
N HIS B 54 14.35 -18.05 19.67
CA HIS B 54 15.08 -19.27 19.88
C HIS B 54 15.58 -19.33 21.33
N HIS B 55 15.88 -18.18 21.95
CA HIS B 55 16.38 -18.13 23.36
C HIS B 55 15.34 -17.87 24.44
N GLY B 56 14.04 -17.94 24.11
CA GLY B 56 13.00 -17.67 25.12
C GLY B 56 12.90 -16.23 25.60
N GLY B 57 13.52 -15.29 24.88
CA GLY B 57 13.28 -13.87 25.18
C GLY B 57 11.91 -13.37 24.73
N THR B 58 11.39 -12.39 25.46
CA THR B 58 10.10 -11.73 25.18
C THR B 58 10.42 -10.41 24.50
N ILE B 59 9.94 -10.18 23.27
CA ILE B 59 10.22 -8.89 22.67
C ILE B 59 9.24 -7.87 23.23
N ASP B 60 9.76 -6.91 23.97
CA ASP B 60 8.90 -5.88 24.54
C ASP B 60 8.59 -4.75 23.53
N GLU B 61 9.60 -4.12 22.94
CA GLU B 61 9.33 -3.11 21.93
C GLU B 61 10.35 -3.13 20.80
N PHE B 62 9.94 -2.63 19.62
CA PHE B 62 10.82 -2.34 18.48
C PHE B 62 10.82 -0.82 18.33
N MET B 63 12.01 -0.23 18.16
CA MET B 63 12.18 1.20 17.95
C MET B 63 12.88 1.46 16.62
N GLY B 64 12.77 2.68 16.13
CA GLY B 64 13.34 2.98 14.83
C GLY B 64 14.70 2.37 14.55
N ASP B 65 15.41 1.95 15.60
CA ASP B 65 16.68 1.19 15.44
C ASP B 65 16.99 0.29 16.64
N GLY B 66 15.97 -0.30 17.24
CA GLY B 66 16.16 -0.84 18.58
C GLY B 66 15.19 -1.88 19.06
N ILE B 67 15.63 -2.62 20.06
CA ILE B 67 14.89 -3.71 20.61
C ILE B 67 15.01 -3.62 22.13
N LEU B 68 13.87 -3.83 22.80
CA LEU B 68 13.82 -4.12 24.23
C LEU B 68 13.40 -5.57 24.39
N VAL B 69 14.26 -6.36 25.02
CA VAL B 69 13.95 -7.75 25.32
C VAL B 69 13.97 -8.01 26.84
N LEU B 70 13.16 -8.97 27.30
CA LEU B 70 13.08 -9.33 28.71
C LEU B 70 13.32 -10.80 28.88
N PHE B 71 14.08 -11.13 29.92
CA PHE B 71 14.35 -12.50 30.29
C PHE B 71 13.89 -12.56 31.74
N GLY B 72 12.78 -13.24 32.00
CA GLY B 72 12.13 -13.19 33.33
C GLY B 72 10.71 -12.62 33.38
N ALA B 73 10.24 -11.98 32.32
CA ALA B 73 8.80 -11.60 32.26
C ALA B 73 8.23 -12.07 30.93
N PRO B 74 6.95 -12.55 30.89
CA PRO B 74 5.99 -12.90 32.00
C PRO B 74 6.25 -14.24 32.67
N THR B 75 7.26 -14.96 32.17
CA THR B 75 7.74 -16.24 32.72
C THR B 75 9.20 -16.06 33.19
N SER B 76 9.53 -16.52 34.39
CA SER B 76 10.91 -16.39 34.87
C SER B 76 11.49 -17.78 34.95
N GLN B 77 12.82 -17.85 35.05
CA GLN B 77 13.54 -18.95 35.71
C GLN B 77 15.02 -18.51 35.95
N GLN B 78 15.71 -19.18 36.89
CA GLN B 78 16.90 -18.56 37.56
C GLN B 78 18.12 -18.19 36.72
N ASP B 79 18.36 -18.92 35.61
CA ASP B 79 19.44 -18.58 34.66
C ASP B 79 19.02 -18.04 33.25
N ASP B 80 17.94 -17.27 33.35
CA ASP B 80 17.61 -16.21 32.44
C ASP B 80 18.80 -15.35 32.10
N ALA B 81 19.61 -15.08 33.11
CA ALA B 81 20.68 -14.10 32.98
C ALA B 81 21.78 -14.61 32.02
N LEU B 82 22.22 -15.86 32.17
CA LEU B 82 23.14 -16.45 31.22
C LEU B 82 22.52 -16.53 29.82
N ARG B 83 21.22 -16.82 29.74
CA ARG B 83 20.50 -17.05 28.47
C ARG B 83 20.36 -15.70 27.75
N ALA B 84 20.12 -14.63 28.51
CA ALA B 84 20.22 -13.24 28.00
C ALA B 84 21.57 -12.89 27.39
N VAL B 85 22.66 -13.19 28.09
CA VAL B 85 24.00 -12.96 27.55
C VAL B 85 24.28 -13.82 26.31
N ALA B 86 23.92 -15.12 26.37
CA ALA B 86 24.02 -15.97 25.18
C ALA B 86 23.29 -15.37 24.02
N CYS B 87 22.06 -14.93 24.24
CA CYS B 87 21.25 -14.30 23.19
C CYS B 87 21.94 -13.07 22.56
N GLY B 88 22.49 -12.20 23.41
CA GLY B 88 23.29 -11.06 22.95
C GLY B 88 24.38 -11.55 21.99
N VAL B 89 25.11 -12.60 22.38
CA VAL B 89 26.24 -13.10 21.60
C VAL B 89 25.76 -13.60 20.25
N GLU B 90 24.71 -14.43 20.24
CA GLU B 90 24.05 -14.84 19.00
C GLU B 90 23.48 -13.67 18.18
N MET B 91 22.98 -12.60 18.83
CA MET B 91 22.52 -11.46 18.06
C MET B 91 23.65 -10.82 17.25
N GLN B 92 24.80 -10.61 17.90
CA GLN B 92 25.92 -10.06 17.20
C GLN B 92 26.32 -10.98 16.05
N LEU B 93 26.33 -12.28 16.29
CA LEU B 93 26.75 -13.22 15.24
C LEU B 93 25.77 -13.26 14.06
N ALA B 94 24.46 -13.29 14.36
CA ALA B 94 23.40 -13.22 13.37
C ALA B 94 23.42 -11.94 12.52
N LEU B 95 24.00 -10.87 13.04
CA LEU B 95 24.09 -9.62 12.31
C LEU B 95 24.90 -9.80 11.03
N ARG B 96 25.85 -10.75 11.04
CA ARG B 96 26.65 -11.11 9.87
C ARG B 96 25.77 -11.61 8.71
N GLU B 97 24.69 -12.31 9.01
CA GLU B 97 23.78 -12.70 7.92
C GLU B 97 22.94 -11.52 7.39
N VAL B 98 22.44 -10.68 8.29
CA VAL B 98 21.65 -9.54 7.85
C VAL B 98 22.50 -8.66 6.98
N ASN B 99 23.77 -8.52 7.34
CA ASN B 99 24.70 -7.69 6.58
C ASN B 99 24.97 -8.22 5.17
N GLN B 100 25.05 -9.54 4.99
CA GLN B 100 25.18 -10.14 3.66
C GLN B 100 24.10 -9.66 2.68
N GLN B 101 22.85 -9.65 3.18
CA GLN B 101 21.68 -9.11 2.49
C GLN B 101 21.69 -7.61 2.38
N VAL B 102 22.02 -6.90 3.47
CA VAL B 102 22.04 -5.43 3.44
C VAL B 102 23.08 -4.90 2.40
N THR B 103 24.28 -5.48 2.47
CA THR B 103 25.36 -5.11 1.58
C THR B 103 25.10 -5.71 0.19
N GLY B 104 24.34 -6.80 0.13
CA GLY B 104 23.90 -7.34 -1.15
C GLY B 104 22.97 -6.39 -1.88
N LEU B 105 22.43 -5.39 -1.16
CA LEU B 105 21.61 -4.37 -1.76
C LEU B 105 22.44 -3.14 -2.01
N GLY B 106 23.74 -3.21 -1.72
CA GLY B 106 24.66 -2.13 -2.01
C GLY B 106 24.59 -1.05 -0.97
N LEU B 107 24.31 -1.45 0.24
CA LEU B 107 23.95 -0.50 1.30
C LEU B 107 24.95 -0.81 2.39
N GLN B 108 25.32 0.18 3.18
CA GLN B 108 26.28 -0.01 4.26
C GLN B 108 25.84 -1.04 5.32
N PRO B 109 26.82 -1.86 5.79
CA PRO B 109 26.56 -2.79 6.89
C PRO B 109 26.15 -2.05 8.18
N LEU B 110 25.26 -2.67 8.92
CA LEU B 110 24.87 -2.23 10.24
C LEU B 110 25.95 -2.60 11.24
N GLU B 111 26.14 -1.76 12.28
CA GLU B 111 26.86 -2.21 13.50
C GLU B 111 25.89 -2.15 14.63
N MET B 112 26.08 -2.99 15.62
CA MET B 112 25.12 -3.04 16.72
C MET B 112 25.82 -3.09 18.05
N GLY B 113 25.30 -2.34 19.02
CA GLY B 113 25.74 -2.45 20.40
C GLY B 113 24.61 -2.99 21.22
N ILE B 114 24.91 -3.60 22.36
CA ILE B 114 23.92 -4.25 23.22
C ILE B 114 24.32 -4.02 24.69
N GLY B 115 23.32 -3.70 25.52
CA GLY B 115 23.49 -3.59 26.95
C GLY B 115 22.56 -4.59 27.63
N ILE B 116 23.02 -5.16 28.74
CA ILE B 116 22.22 -6.11 29.53
C ILE B 116 22.37 -5.73 30.99
N ASN B 117 21.27 -5.75 31.74
CA ASN B 117 21.25 -5.46 33.20
C ASN B 117 20.24 -6.39 33.89
N THR B 118 20.52 -6.74 35.15
CA THR B 118 19.59 -7.58 35.92
C THR B 118 19.12 -6.84 37.15
N GLY B 119 17.82 -6.71 37.28
CA GLY B 119 17.29 -6.10 38.48
C GLY B 119 15.80 -6.20 38.51
N GLU B 120 15.27 -5.66 39.62
CA GLU B 120 13.85 -5.61 39.92
C GLU B 120 13.24 -4.48 39.15
N VAL B 121 12.14 -4.83 38.51
CA VAL B 121 11.36 -3.85 37.81
C VAL B 121 9.92 -4.14 38.16
N VAL B 122 9.07 -3.19 37.82
CA VAL B 122 7.65 -3.43 37.80
C VAL B 122 7.31 -3.85 36.39
N VAL B 123 6.50 -4.90 36.28
CA VAL B 123 5.97 -5.31 34.99
C VAL B 123 4.44 -5.42 35.07
N GLY B 124 3.74 -5.04 34.00
CA GLY B 124 2.29 -5.12 34.04
C GLY B 124 1.64 -4.70 32.76
N ASN B 125 0.32 -4.86 32.69
CA ASN B 125 -0.39 -4.33 31.51
C ASN B 125 -0.80 -2.86 31.59
N ILE B 126 -0.41 -2.15 30.53
CA ILE B 126 -0.15 -0.71 30.61
C ILE B 126 -0.48 0.00 29.31
N GLY B 127 -1.01 1.20 29.45
CA GLY B 127 -1.29 2.00 28.31
C GLY B 127 -2.75 2.34 28.24
N SER B 128 -3.25 2.40 26.99
CA SER B 128 -4.60 2.87 26.68
C SER B 128 -5.74 2.07 27.35
N GLU B 129 -6.96 2.54 27.13
CA GLU B 129 -8.14 1.79 27.53
C GLU B 129 -8.40 0.70 26.47
N LYS B 130 -7.85 0.88 25.27
CA LYS B 130 -8.05 -0.09 24.19
C LYS B 130 -6.87 -1.02 23.95
N ARG B 131 -5.97 -0.62 23.06
CA ARG B 131 -4.87 -1.51 22.65
C ARG B 131 -3.63 -1.39 23.56
N THR B 132 -3.71 -2.01 24.74
CA THR B 132 -2.70 -1.90 25.80
C THR B 132 -1.65 -3.02 25.69
N LYS B 133 -0.37 -2.65 25.80
CA LYS B 133 0.74 -3.63 25.68
C LYS B 133 1.34 -4.09 27.03
N TYR B 134 2.24 -5.08 26.98
CA TYR B 134 2.96 -5.53 28.19
C TYR B 134 4.20 -4.67 28.45
N GLY B 135 4.18 -4.01 29.59
CA GLY B 135 5.21 -3.03 29.91
C GLY B 135 6.09 -3.32 31.11
N VAL B 136 7.25 -2.69 31.09
CA VAL B 136 8.17 -2.80 32.18
C VAL B 136 8.62 -1.39 32.52
N VAL B 137 8.61 -1.09 33.81
CA VAL B 137 8.92 0.23 34.35
C VAL B 137 9.96 0.07 35.43
N GLY B 138 10.91 1.00 35.46
CA GLY B 138 11.79 1.21 36.60
C GLY B 138 13.14 1.70 36.18
N ALA B 139 13.89 2.23 37.15
CA ALA B 139 15.28 2.69 36.99
C ALA B 139 16.22 1.69 36.34
N GLN B 140 15.98 0.41 36.60
CA GLN B 140 16.82 -0.65 36.10
C GLN B 140 16.58 -0.90 34.61
N VAL B 141 15.44 -0.45 34.08
CA VAL B 141 15.24 -0.44 32.60
C VAL B 141 16.11 0.65 31.96
N ASN B 142 15.99 1.86 32.48
CA ASN B 142 16.80 2.97 32.07
C ASN B 142 18.28 2.69 32.21
N LEU B 143 18.68 2.00 33.27
CA LEU B 143 20.09 1.63 33.44
C LEU B 143 20.63 0.79 32.28
N THR B 144 19.86 -0.18 31.83
CA THR B 144 20.33 -1.00 30.72
C THR B 144 20.56 -0.21 29.39
N TYR B 145 19.73 0.79 29.10
CA TYR B 145 19.93 1.78 28.00
C TYR B 145 21.18 2.67 28.21
N ARG B 146 21.41 3.12 29.45
CA ARG B 146 22.66 3.80 29.79
C ARG B 146 23.88 2.92 29.50
N ILE B 147 23.88 1.73 30.09
CA ILE B 147 24.94 0.74 29.92
C ILE B 147 25.34 0.56 28.45
N GLU B 148 24.31 0.40 27.61
CA GLU B 148 24.40 0.23 26.17
C GLU B 148 24.91 1.46 25.40
N SER B 149 24.65 2.66 25.91
CA SER B 149 25.11 3.91 25.23
C SER B 149 26.62 4.00 25.15
N TYR B 150 27.32 3.25 26.00
CA TYR B 150 28.82 3.18 26.06
C TYR B 150 29.41 2.19 25.05
N THR B 151 28.53 1.47 24.39
CA THR B 151 28.93 0.42 23.50
C THR B 151 29.38 1.09 22.20
N THR B 152 30.29 0.44 21.47
CA THR B 152 30.48 0.77 20.05
C THR B 152 30.14 -0.51 19.26
N GLY B 153 30.01 -0.42 17.94
CA GLY B 153 29.69 -1.58 17.07
C GLY B 153 30.32 -2.89 17.51
N GLY B 154 29.57 -3.98 17.49
CA GLY B 154 30.11 -5.31 17.87
C GLY B 154 30.30 -5.65 19.35
N GLN B 155 29.96 -4.73 20.25
CA GLN B 155 30.24 -4.83 21.66
C GLN B 155 28.97 -5.03 22.45
N ILE B 156 29.04 -5.92 23.44
CA ILE B 156 28.01 -6.20 24.45
C ILE B 156 28.57 -5.76 25.82
N PHE B 157 27.89 -4.80 26.49
CA PHE B 157 28.22 -4.40 27.88
C PHE B 157 27.18 -4.93 28.84
N ILE B 158 27.64 -5.54 29.94
CA ILE B 158 26.75 -6.06 30.98
C ILE B 158 27.05 -5.50 32.39
N SER B 159 26.00 -5.31 33.18
CA SER B 159 26.17 -4.96 34.58
C SER B 159 26.75 -6.15 35.32
N SER B 160 27.28 -5.88 36.51
CA SER B 160 27.87 -6.89 37.36
C SER B 160 26.80 -7.72 38.03
N THR B 161 25.58 -7.18 38.18
CA THR B 161 24.49 -8.00 38.74
C THR B 161 24.14 -9.08 37.69
N THR B 162 24.22 -8.70 36.42
CA THR B 162 24.00 -9.64 35.31
C THR B 162 25.08 -10.70 35.23
N LEU B 163 26.35 -10.27 35.30
CA LEU B 163 27.51 -11.16 35.37
C LEU B 163 27.48 -12.08 36.62
N GLU B 164 26.98 -11.58 37.77
CA GLU B 164 26.92 -12.41 38.97
C GLU B 164 25.79 -13.42 38.89
N ALA B 165 24.65 -13.00 38.34
CA ALA B 165 23.56 -13.95 38.16
C ALA B 165 24.00 -15.01 37.14
N ALA B 166 24.61 -14.59 36.04
CA ALA B 166 25.00 -15.52 34.97
C ALA B 166 26.20 -16.45 35.27
N GLY B 167 27.17 -15.92 36.02
CA GLY B 167 28.32 -16.70 36.46
C GLY B 167 29.44 -16.81 35.45
N ASP B 168 30.34 -17.76 35.74
CA ASP B 168 31.60 -18.00 35.09
C ASP B 168 31.56 -18.26 33.62
N ARG B 169 30.46 -18.79 33.13
CA ARG B 169 30.37 -19.11 31.71
C ARG B 169 30.28 -17.84 30.83
N VAL B 170 30.01 -16.68 31.42
CA VAL B 170 30.22 -15.43 30.71
C VAL B 170 31.71 -15.13 30.72
N HIS B 171 32.30 -15.05 29.53
CA HIS B 171 33.71 -14.68 29.43
C HIS B 171 33.77 -13.21 29.14
N VAL B 172 34.67 -12.50 29.79
CA VAL B 172 34.65 -11.04 29.73
C VAL B 172 36.02 -10.54 29.25
N ASN B 173 36.05 -9.55 28.35
CA ASN B 173 37.29 -8.92 27.88
C ASN B 173 37.93 -7.95 28.88
N GLY B 174 37.20 -7.58 29.91
CA GLY B 174 37.63 -6.51 30.78
C GLY B 174 36.49 -5.70 31.34
N ASN B 175 36.86 -4.74 32.17
CA ASN B 175 35.94 -4.06 33.07
C ASN B 175 36.02 -2.57 32.77
N ARG B 176 35.02 -1.81 33.21
CA ARG B 176 35.06 -0.35 33.15
C ARG B 176 34.07 0.20 34.16
N THR B 177 34.43 1.28 34.86
CA THR B 177 33.50 1.85 35.83
C THR B 177 32.99 3.22 35.37
N VAL B 178 31.67 3.32 35.22
CA VAL B 178 31.04 4.53 34.69
C VAL B 178 30.12 5.19 35.71
N GLN B 179 29.99 6.50 35.58
CA GLN B 179 29.06 7.28 36.39
C GLN B 179 28.08 7.89 35.40
N PRO B 180 26.98 7.17 35.08
CA PRO B 180 25.98 7.87 34.27
C PRO B 180 25.21 8.87 35.14
N LYS B 181 24.75 9.95 34.51
CA LYS B 181 24.06 11.06 35.22
C LYS B 181 22.73 10.59 35.83
N GLY B 182 22.21 11.35 36.79
CA GLY B 182 20.97 10.96 37.46
C GLY B 182 21.21 9.93 38.54
N VAL B 183 21.75 8.77 38.16
CA VAL B 183 22.11 7.74 39.15
C VAL B 183 23.41 8.13 39.87
N LYS B 184 23.34 8.20 41.20
CA LYS B 184 24.45 8.73 42.01
C LYS B 184 25.71 7.85 41.99
N ASP B 185 25.57 6.55 42.29
CA ASP B 185 26.73 5.63 42.38
C ASP B 185 27.22 5.12 41.00
N PRO B 186 28.56 4.86 40.89
CA PRO B 186 29.09 4.37 39.61
C PRO B 186 28.77 2.89 39.42
N VAL B 187 28.38 2.50 38.20
CA VAL B 187 28.19 1.09 37.84
C VAL B 187 29.44 0.54 37.17
N VAL B 188 29.85 -0.65 37.60
CA VAL B 188 30.89 -1.35 36.88
C VAL B 188 30.25 -2.12 35.69
N ILE B 189 30.76 -1.90 34.48
CA ILE B 189 30.24 -2.63 33.34
C ILE B 189 31.27 -3.52 32.67
N TRP B 190 30.82 -4.66 32.16
CA TRP B 190 31.73 -5.69 31.63
C TRP B 190 31.63 -5.91 30.13
N ASP B 191 32.80 -5.98 29.50
CA ASP B 191 32.89 -6.19 28.06
C ASP B 191 32.84 -7.67 27.74
N VAL B 192 31.77 -8.13 27.14
CA VAL B 192 31.58 -9.56 26.91
C VAL B 192 32.31 -10.07 25.61
N ALA B 193 33.16 -11.07 25.81
CA ALA B 193 33.87 -11.83 24.77
C ALA B 193 33.12 -13.09 24.26
N GLY B 194 32.32 -13.74 25.10
CA GLY B 194 31.55 -14.92 24.67
C GLY B 194 30.99 -15.67 25.85
N VAL B 195 30.42 -16.83 25.58
CA VAL B 195 29.82 -17.67 26.63
C VAL B 195 30.19 -19.10 26.41
N GLY B 196 30.27 -19.85 27.50
CA GLY B 196 30.72 -21.25 27.45
C GLY B 196 29.54 -22.21 27.43
N GLU B 197 29.79 -23.43 27.92
CA GLU B 197 28.82 -24.52 27.81
C GLU B 197 27.45 -24.13 28.35
N PRO B 198 26.38 -24.59 27.69
CA PRO B 198 26.36 -25.30 26.41
C PRO B 198 26.46 -24.49 25.12
N TYR B 199 26.46 -23.15 25.16
CA TYR B 199 26.37 -22.37 23.89
C TYR B 199 27.64 -22.34 23.06
N ASN B 200 28.77 -22.14 23.74
CA ASN B 200 30.08 -22.07 23.11
C ASN B 200 30.12 -21.10 21.94
N LEU B 201 29.78 -19.85 22.26
CA LEU B 201 29.60 -18.83 21.28
C LEU B 201 30.56 -17.73 21.68
N SER B 202 31.33 -17.28 20.71
CA SER B 202 32.36 -16.29 20.95
C SER B 202 32.30 -15.16 19.90
N LEU B 203 32.67 -13.96 20.34
CA LEU B 203 32.46 -12.72 19.57
C LEU B 203 33.69 -12.34 18.75
N ALA B 204 34.88 -12.76 19.16
CA ALA B 204 36.08 -12.52 18.34
C ALA B 204 37.02 -13.69 18.46
N LYS C 7 20.37 -15.60 -39.73
CA LYS C 7 21.85 -15.74 -39.63
C LYS C 7 22.57 -14.38 -39.76
N MET C 8 22.55 -13.79 -40.95
CA MET C 8 23.41 -12.63 -41.31
C MET C 8 22.75 -11.23 -41.30
N GLY C 9 21.92 -10.94 -40.30
CA GLY C 9 21.25 -9.64 -40.23
C GLY C 9 21.16 -9.09 -38.82
N GLY C 10 22.12 -8.24 -38.46
CA GLY C 10 22.19 -7.66 -37.12
C GLY C 10 22.75 -6.26 -37.12
N ASP C 11 22.85 -5.65 -35.95
CA ASP C 11 23.01 -4.19 -35.82
C ASP C 11 23.55 -3.84 -34.44
N ARG C 12 24.47 -2.89 -34.37
CA ARG C 12 24.87 -2.35 -33.08
C ARG C 12 24.38 -0.90 -32.92
N ARG C 13 23.55 -0.65 -31.89
CA ARG C 13 22.90 0.65 -31.68
C ARG C 13 22.69 0.97 -30.22
N PRO C 14 22.79 2.25 -29.82
CA PRO C 14 22.43 2.55 -28.45
C PRO C 14 20.94 2.33 -28.27
N ILE C 15 20.55 1.65 -27.18
CA ILE C 15 19.14 1.46 -26.84
C ILE C 15 18.98 1.59 -25.33
N THR C 16 17.75 1.84 -24.92
CA THR C 16 17.35 1.80 -23.54
C THR C 16 16.67 0.45 -23.23
N ILE C 17 17.21 -0.19 -22.21
CA ILE C 17 16.77 -1.54 -21.80
C ILE C 17 16.08 -1.40 -20.43
N LEU C 18 14.92 -1.99 -20.28
CA LEU C 18 14.22 -1.97 -19.02
C LEU C 18 14.03 -3.42 -18.61
N THR C 19 14.34 -3.68 -17.35
CA THR C 19 14.03 -4.98 -16.82
C THR C 19 13.27 -4.90 -15.47
N SER C 20 12.30 -5.79 -15.29
CA SER C 20 11.54 -5.83 -14.08
C SER C 20 11.53 -7.24 -13.49
N ASP C 21 11.29 -7.32 -12.19
CA ASP C 21 11.08 -8.60 -11.59
C ASP C 21 10.31 -8.43 -10.31
N LEU C 22 9.77 -9.54 -9.81
CA LEU C 22 8.97 -9.52 -8.61
C LEU C 22 9.86 -9.88 -7.42
N ARG C 23 10.31 -8.85 -6.69
CA ARG C 23 11.31 -8.94 -5.58
C ARG C 23 11.03 -10.10 -4.62
N GLY C 24 11.77 -11.19 -4.76
CA GLY C 24 11.52 -12.35 -3.90
C GLY C 24 10.25 -13.18 -4.08
N PHE C 25 9.53 -12.98 -5.17
CA PHE C 25 8.35 -13.82 -5.49
C PHE C 25 8.73 -15.30 -5.73
N THR C 26 9.97 -15.54 -6.18
CA THR C 26 10.45 -16.93 -6.39
C THR C 26 10.37 -17.73 -5.06
N SER C 27 10.95 -17.14 -4.01
CA SER C 27 10.95 -17.74 -2.68
C SER C 27 9.54 -17.91 -2.11
N THR C 28 8.60 -16.98 -2.40
CA THR C 28 7.22 -17.12 -1.89
C THR C 28 6.31 -18.03 -2.72
N SER C 29 6.58 -18.09 -4.01
CA SER C 29 5.85 -18.98 -4.89
C SER C 29 5.91 -20.42 -4.34
N GLU C 30 6.90 -20.69 -3.46
CA GLU C 30 7.12 -22.03 -2.86
C GLU C 30 5.98 -22.34 -1.87
N GLY C 31 5.57 -21.34 -1.10
CA GLY C 31 4.41 -21.51 -0.19
C GLY C 31 3.04 -21.16 -0.79
N LEU C 32 2.92 -21.05 -2.12
CA LEU C 32 1.61 -20.93 -2.80
C LEU C 32 1.24 -22.19 -3.60
N ASN C 33 -0.04 -22.43 -3.82
CA ASN C 33 -0.43 -23.47 -4.77
C ASN C 33 -0.29 -22.99 -6.21
N PRO C 34 -0.06 -23.94 -7.15
CA PRO C 34 0.26 -23.61 -8.56
C PRO C 34 -0.77 -22.74 -9.30
N GLU C 35 -2.06 -22.92 -9.01
CA GLU C 35 -3.16 -22.11 -9.54
C GLU C 35 -3.04 -20.65 -9.20
N GLU C 36 -2.75 -20.35 -7.93
CA GLU C 36 -2.41 -18.97 -7.50
C GLU C 36 -1.26 -18.34 -8.33
N VAL C 37 -0.20 -19.12 -8.50
CA VAL C 37 1.03 -18.63 -9.16
C VAL C 37 0.76 -18.23 -10.61
N VAL C 38 0.17 -19.10 -11.42
CA VAL C 38 -0.09 -18.74 -12.81
C VAL C 38 -1.10 -17.60 -12.93
N LYS C 39 -2.14 -17.59 -12.07
CA LYS C 39 -3.14 -16.54 -12.09
C LYS C 39 -2.56 -15.17 -11.79
N VAL C 40 -1.77 -15.12 -10.72
CA VAL C 40 -1.15 -13.88 -10.22
C VAL C 40 -0.19 -13.31 -11.22
N LEU C 41 0.59 -14.20 -11.83
CA LEU C 41 1.55 -13.88 -12.89
C LEU C 41 0.85 -13.41 -14.17
N ASN C 42 -0.21 -14.11 -14.58
CA ASN C 42 -0.97 -13.68 -15.79
C ASN C 42 -1.73 -12.33 -15.71
N ILE C 43 -2.20 -11.99 -14.51
CA ILE C 43 -2.72 -10.63 -14.21
C ILE C 43 -1.57 -9.63 -14.31
N TYR C 44 -0.43 -10.01 -13.76
CA TYR C 44 0.71 -9.12 -13.75
C TYR C 44 1.19 -8.86 -15.18
N PHE C 45 1.53 -9.93 -15.90
CA PHE C 45 1.93 -9.81 -17.29
C PHE C 45 0.88 -9.11 -18.16
N GLY C 46 -0.39 -9.36 -17.87
CA GLY C 46 -1.51 -8.67 -18.50
C GLY C 46 -1.48 -7.15 -18.40
N LYS C 47 -1.42 -6.61 -17.18
CA LYS C 47 -1.34 -5.18 -17.01
C LYS C 47 0.01 -4.62 -17.50
N MET C 48 1.10 -5.34 -17.29
CA MET C 48 2.41 -4.75 -17.56
C MET C 48 2.55 -4.60 -19.06
N ALA C 49 2.05 -5.58 -19.80
CA ALA C 49 2.16 -5.57 -21.28
C ALA C 49 1.45 -4.38 -21.83
N ASP C 50 0.31 -4.08 -21.22
CA ASP C 50 -0.55 -2.98 -21.61
C ASP C 50 0.10 -1.61 -21.45
N VAL C 51 0.78 -1.39 -20.34
CA VAL C 51 1.54 -0.19 -20.19
C VAL C 51 2.76 -0.10 -21.10
N ILE C 52 3.43 -1.21 -21.32
CA ILE C 52 4.60 -1.25 -22.20
C ILE C 52 4.19 -0.91 -23.63
N THR C 53 3.11 -1.57 -24.06
CA THR C 53 2.48 -1.30 -25.37
C THR C 53 2.12 0.17 -25.61
N HIS C 54 1.48 0.77 -24.60
CA HIS C 54 1.09 2.17 -24.60
C HIS C 54 2.30 3.12 -24.57
N HIS C 55 3.42 2.66 -24.06
CA HIS C 55 4.64 3.46 -24.11
C HIS C 55 5.57 3.12 -25.29
N GLY C 56 5.10 2.29 -26.22
CA GLY C 56 5.85 1.94 -27.45
C GLY C 56 7.04 1.05 -27.21
N GLY C 57 7.04 0.28 -26.14
CA GLY C 57 8.17 -0.57 -25.81
C GLY C 57 8.00 -1.91 -26.47
N THR C 58 9.11 -2.62 -26.59
CA THR C 58 9.14 -3.96 -27.16
C THR C 58 9.38 -4.98 -26.07
N ILE C 59 8.41 -5.89 -25.87
CA ILE C 59 8.61 -7.01 -24.92
C ILE C 59 9.47 -8.05 -25.58
N ASP C 60 10.72 -8.13 -25.11
CA ASP C 60 11.73 -9.07 -25.60
C ASP C 60 11.61 -10.49 -25.01
N GLU C 61 11.42 -10.60 -23.70
CA GLU C 61 11.02 -11.88 -23.10
C GLU C 61 10.35 -11.70 -21.75
N PHE C 62 9.51 -12.70 -21.42
CA PHE C 62 8.84 -12.98 -20.13
C PHE C 62 9.62 -14.17 -19.66
N MET C 63 10.19 -14.07 -18.46
CA MET C 63 11.15 -15.06 -17.98
C MET C 63 10.79 -15.34 -16.54
N GLY C 64 9.98 -16.37 -16.27
CA GLY C 64 9.53 -16.64 -14.91
C GLY C 64 8.72 -15.49 -14.31
N ASP C 65 9.36 -14.65 -13.48
CA ASP C 65 8.69 -13.45 -12.93
C ASP C 65 9.23 -12.10 -13.59
N GLY C 66 10.06 -12.25 -14.59
CA GLY C 66 10.74 -11.14 -15.20
C GLY C 66 10.19 -10.75 -16.57
N ILE C 67 10.46 -9.48 -16.88
CA ILE C 67 10.17 -8.92 -18.18
C ILE C 67 11.42 -8.19 -18.64
N LEU C 68 11.67 -8.26 -19.94
CA LEU C 68 12.77 -7.56 -20.62
C LEU C 68 12.09 -6.77 -21.70
N VAL C 69 12.31 -5.48 -21.64
CA VAL C 69 11.80 -4.60 -22.66
C VAL C 69 12.87 -3.64 -23.31
N LEU C 70 12.72 -3.47 -24.62
CA LEU C 70 13.70 -2.68 -25.38
C LEU C 70 13.04 -1.41 -25.77
N PHE C 71 13.71 -0.29 -25.59
CA PHE C 71 13.23 0.95 -26.18
C PHE C 71 14.33 1.40 -27.16
N GLY C 72 14.04 1.28 -28.45
CA GLY C 72 15.04 1.48 -29.53
C GLY C 72 15.31 0.29 -30.48
N ALA C 73 14.63 -0.84 -30.27
CA ALA C 73 14.82 -2.01 -31.13
C ALA C 73 13.56 -2.87 -31.12
N PRO C 74 13.13 -3.38 -32.30
CA PRO C 74 13.71 -3.19 -33.64
C PRO C 74 13.71 -1.73 -34.17
N THR C 75 12.58 -1.05 -34.01
CA THR C 75 12.48 0.33 -34.48
C THR C 75 13.06 1.33 -33.48
N SER C 76 14.07 2.10 -33.93
CA SER C 76 14.63 3.18 -33.11
C SER C 76 13.81 4.44 -33.26
N GLN C 77 13.57 5.10 -32.13
CA GLN C 77 12.93 6.41 -32.09
C GLN C 77 13.78 7.38 -31.26
N GLN C 78 13.49 8.70 -31.35
CA GLN C 78 14.31 9.74 -30.68
C GLN C 78 14.55 9.77 -29.13
N ASP C 79 13.47 9.77 -28.32
CA ASP C 79 13.64 9.80 -26.83
C ASP C 79 13.19 8.52 -26.11
N ASP C 80 13.87 7.45 -26.47
CA ASP C 80 13.67 6.16 -25.93
C ASP C 80 13.99 6.13 -24.42
N ALA C 81 15.02 6.86 -23.99
CA ALA C 81 15.38 6.95 -22.57
C ALA C 81 14.24 7.54 -21.65
N LEU C 82 13.74 8.75 -21.94
CA LEU C 82 12.68 9.34 -21.14
C LEU C 82 11.45 8.41 -21.09
N ARG C 83 11.16 7.78 -22.24
CA ARG C 83 9.91 7.06 -22.40
C ARG C 83 10.01 5.70 -21.73
N ALA C 84 11.22 5.14 -21.64
CA ALA C 84 11.48 3.93 -20.84
C ALA C 84 11.27 4.16 -19.34
N VAL C 85 11.68 5.35 -18.87
CA VAL C 85 11.48 5.72 -17.44
C VAL C 85 10.02 6.01 -17.09
N ALA C 86 9.33 6.75 -17.96
CA ALA C 86 7.87 7.02 -17.80
C ALA C 86 7.13 5.70 -17.76
N CYS C 87 7.51 4.80 -18.66
CA CYS C 87 6.97 3.42 -18.66
C CYS C 87 7.24 2.72 -17.33
N GLY C 88 8.50 2.72 -16.91
CA GLY C 88 8.92 2.38 -15.56
C GLY C 88 7.99 2.81 -14.47
N VAL C 89 7.65 4.08 -14.49
CA VAL C 89 6.85 4.68 -13.44
C VAL C 89 5.37 4.23 -13.54
N GLU C 90 4.80 4.27 -14.75
CA GLU C 90 3.47 3.76 -14.93
C GLU C 90 3.34 2.26 -14.56
N MET C 91 4.33 1.42 -14.90
CA MET C 91 4.33 0.01 -14.49
C MET C 91 4.18 -0.13 -12.98
N GLN C 92 4.92 0.66 -12.21
CA GLN C 92 4.89 0.64 -10.75
C GLN C 92 3.52 1.11 -10.20
N LEU C 93 3.00 2.17 -10.82
CA LEU C 93 1.68 2.71 -10.54
C LEU C 93 0.58 1.67 -10.90
N ALA C 94 0.65 1.08 -12.10
CA ALA C 94 -0.31 0.05 -12.51
C ALA C 94 -0.30 -1.24 -11.61
N LEU C 95 0.86 -1.56 -11.00
CA LEU C 95 1.00 -2.65 -10.00
C LEU C 95 0.04 -2.54 -8.80
N ARG C 96 -0.22 -1.30 -8.37
CA ARG C 96 -1.13 -1.02 -7.24
C ARG C 96 -2.55 -1.48 -7.56
N GLU C 97 -2.90 -1.46 -8.84
CA GLU C 97 -4.19 -1.98 -9.34
C GLU C 97 -4.18 -3.48 -9.49
N VAL C 98 -3.07 -4.05 -9.98
CA VAL C 98 -3.02 -5.49 -10.07
C VAL C 98 -3.13 -6.07 -8.65
N ASN C 99 -2.60 -5.33 -7.66
CA ASN C 99 -2.50 -5.77 -6.27
C ASN C 99 -3.83 -5.65 -5.56
N GLN C 100 -4.69 -4.76 -6.03
CA GLN C 100 -6.08 -4.69 -5.60
C GLN C 100 -6.73 -6.03 -5.95
N GLN C 101 -6.66 -6.45 -7.22
CA GLN C 101 -7.16 -7.77 -7.70
C GLN C 101 -6.46 -8.93 -7.04
N VAL C 102 -5.16 -8.86 -6.91
CA VAL C 102 -4.44 -10.01 -6.39
C VAL C 102 -4.83 -10.18 -4.91
N THR C 103 -4.56 -9.16 -4.10
CA THR C 103 -5.03 -9.14 -2.74
C THR C 103 -6.55 -9.31 -2.73
N GLY C 104 -7.21 -8.68 -3.71
CA GLY C 104 -8.66 -8.69 -3.83
C GLY C 104 -9.19 -10.08 -4.03
N LEU C 105 -8.80 -10.72 -5.14
CA LEU C 105 -9.25 -12.10 -5.39
C LEU C 105 -8.77 -13.08 -4.27
N GLY C 106 -8.17 -12.53 -3.20
CA GLY C 106 -7.79 -13.31 -2.02
C GLY C 106 -6.44 -13.99 -2.13
N LEU C 107 -5.60 -13.45 -3.02
CA LEU C 107 -4.22 -13.94 -3.36
C LEU C 107 -3.11 -13.11 -2.67
N GLN C 108 -1.89 -13.19 -3.20
CA GLN C 108 -0.70 -12.55 -2.61
C GLN C 108 -0.28 -11.19 -3.26
N PRO C 109 0.12 -10.16 -2.45
CA PRO C 109 0.37 -8.80 -2.97
C PRO C 109 1.82 -8.54 -3.43
N LEU C 110 2.02 -8.60 -4.76
CA LEU C 110 3.34 -8.49 -5.45
C LEU C 110 4.18 -7.28 -5.12
N GLU C 111 5.51 -7.45 -5.03
CA GLU C 111 6.46 -6.31 -5.11
C GLU C 111 7.34 -6.32 -6.35
N MET C 112 7.64 -5.14 -6.87
CA MET C 112 8.33 -5.07 -8.12
C MET C 112 9.55 -4.13 -8.04
N GLY C 113 10.62 -4.54 -8.69
CA GLY C 113 11.79 -3.71 -8.78
C GLY C 113 11.99 -3.60 -10.26
N ILE C 114 12.36 -2.40 -10.69
CA ILE C 114 12.74 -2.17 -12.11
C ILE C 114 14.18 -1.62 -12.20
N GLY C 115 14.92 -2.08 -13.22
CA GLY C 115 16.25 -1.53 -13.61
C GLY C 115 16.24 -1.03 -15.06
N ILE C 116 16.94 0.09 -15.32
CA ILE C 116 16.99 0.67 -16.65
C ILE C 116 18.37 1.18 -16.91
N ASN C 117 18.85 0.86 -18.13
CA ASN C 117 20.17 1.22 -18.62
C ASN C 117 20.18 1.55 -20.13
N THR C 118 20.99 2.56 -20.47
CA THR C 118 21.09 3.01 -21.80
C THR C 118 22.49 2.70 -22.25
N GLY C 119 22.63 1.99 -23.35
CA GLY C 119 23.96 1.78 -23.92
C GLY C 119 23.84 1.02 -25.21
N GLU C 120 25.00 0.81 -25.86
CA GLU C 120 25.07 0.05 -27.09
C GLU C 120 25.05 -1.46 -26.94
N VAL C 121 24.23 -2.10 -27.77
CA VAL C 121 24.13 -3.56 -27.83
C VAL C 121 24.04 -4.00 -29.31
N VAL C 122 24.23 -5.31 -29.55
CA VAL C 122 23.92 -5.97 -30.79
C VAL C 122 22.47 -6.49 -30.73
N VAL C 123 21.67 -6.09 -31.72
CA VAL C 123 20.31 -6.59 -31.91
C VAL C 123 20.25 -7.25 -33.26
N GLY C 124 19.38 -8.27 -33.38
CA GLY C 124 19.28 -9.17 -34.58
C GLY C 124 18.34 -10.34 -34.28
N ASN C 125 17.76 -10.94 -35.31
CA ASN C 125 16.91 -12.12 -35.14
C ASN C 125 17.74 -13.39 -34.95
N ILE C 126 17.48 -14.08 -33.83
CA ILE C 126 18.27 -15.26 -33.43
C ILE C 126 17.42 -16.51 -33.15
N GLY C 127 17.95 -17.69 -33.43
CA GLY C 127 17.24 -18.93 -33.11
C GLY C 127 17.55 -20.10 -34.03
N SER C 128 16.69 -21.12 -34.01
CA SER C 128 16.73 -22.19 -35.01
C SER C 128 16.13 -21.71 -36.34
N GLU C 129 15.96 -22.64 -37.29
CA GLU C 129 15.30 -22.35 -38.56
C GLU C 129 13.84 -22.01 -38.40
N LYS C 130 13.20 -22.56 -37.37
CA LYS C 130 11.73 -22.49 -37.24
C LYS C 130 11.26 -21.84 -35.95
N ARG C 131 12.22 -21.58 -35.06
CA ARG C 131 12.02 -20.80 -33.87
C ARG C 131 12.97 -19.60 -33.98
N THR C 132 12.41 -18.40 -34.09
CA THR C 132 13.25 -17.20 -34.06
C THR C 132 12.84 -16.18 -33.00
N LYS C 133 13.84 -15.53 -32.42
CA LYS C 133 13.71 -14.63 -31.27
C LYS C 133 14.56 -13.39 -31.50
N TYR C 134 14.01 -12.24 -31.14
CA TYR C 134 14.68 -10.96 -31.33
C TYR C 134 15.72 -10.72 -30.24
N GLY C 135 16.94 -11.16 -30.54
CA GLY C 135 18.05 -11.09 -29.61
C GLY C 135 18.58 -9.69 -29.37
N VAL C 136 19.05 -9.52 -28.15
CA VAL C 136 19.86 -8.40 -27.75
C VAL C 136 21.09 -9.04 -27.07
N VAL C 137 22.28 -8.50 -27.30
CA VAL C 137 23.48 -9.12 -26.80
C VAL C 137 24.43 -8.02 -26.38
N GLY C 138 25.01 -8.16 -25.20
CA GLY C 138 26.04 -7.22 -24.77
C GLY C 138 26.08 -7.00 -23.28
N ALA C 139 27.24 -6.62 -22.81
CA ALA C 139 27.49 -6.25 -21.42
C ALA C 139 26.42 -5.28 -20.89
N GLN C 140 25.90 -4.43 -21.77
CA GLN C 140 24.98 -3.41 -21.36
C GLN C 140 23.63 -4.01 -21.00
N VAL C 141 23.33 -5.16 -21.58
CA VAL C 141 22.14 -5.93 -21.20
C VAL C 141 22.30 -6.43 -19.77
N ASN C 142 23.42 -7.08 -19.44
CA ASN C 142 23.71 -7.57 -18.07
C ASN C 142 23.75 -6.48 -17.00
N LEU C 143 24.30 -5.33 -17.34
CA LEU C 143 24.41 -4.23 -16.46
C LEU C 143 23.00 -3.89 -15.95
N THR C 144 22.02 -3.89 -16.82
CA THR C 144 20.64 -3.60 -16.43
C THR C 144 19.98 -4.57 -15.44
N TYR C 145 20.13 -5.90 -15.61
CA TYR C 145 19.81 -6.89 -14.52
C TYR C 145 20.52 -6.68 -13.19
N ARG C 146 21.80 -6.37 -13.28
CA ARG C 146 22.63 -5.99 -12.14
C ARG C 146 22.08 -4.78 -11.40
N ILE C 147 21.83 -3.72 -12.15
CA ILE C 147 21.14 -2.54 -11.68
C ILE C 147 19.80 -2.86 -10.96
N GLU C 148 18.95 -3.60 -11.66
CA GLU C 148 17.67 -4.03 -11.10
C GLU C 148 17.78 -4.84 -9.77
N SER C 149 18.82 -5.67 -9.65
CA SER C 149 19.00 -6.54 -8.48
C SER C 149 19.25 -5.74 -7.21
N TYR C 150 19.70 -4.51 -7.37
CA TYR C 150 19.86 -3.64 -6.22
C TYR C 150 18.57 -3.04 -5.66
N THR C 151 17.46 -3.08 -6.40
CA THR C 151 16.16 -2.51 -5.91
C THR C 151 15.52 -3.23 -4.73
N THR C 152 14.76 -2.50 -3.90
CA THR C 152 13.74 -3.10 -3.03
C THR C 152 12.39 -2.86 -3.70
N GLY C 153 11.32 -3.54 -3.20
CA GLY C 153 9.95 -3.39 -3.72
C GLY C 153 9.52 -1.95 -3.94
N GLY C 154 9.03 -1.59 -5.12
CA GLY C 154 8.63 -0.18 -5.30
C GLY C 154 9.65 0.69 -5.99
N GLN C 155 10.93 0.30 -6.05
CA GLN C 155 11.95 1.18 -6.61
C GLN C 155 12.15 1.03 -8.11
N ILE C 156 12.63 2.12 -8.71
CA ILE C 156 13.13 2.09 -10.04
C ILE C 156 14.53 2.68 -9.98
N PHE C 157 15.51 1.88 -10.45
CA PHE C 157 16.91 2.30 -10.59
C PHE C 157 17.30 2.44 -12.03
N ILE C 158 18.03 3.51 -12.26
CA ILE C 158 18.52 3.84 -13.58
C ILE C 158 20.02 4.20 -13.56
N SER C 159 20.68 3.96 -14.69
CA SER C 159 22.07 4.35 -14.84
C SER C 159 22.20 5.82 -15.20
N SER C 160 23.42 6.34 -15.11
CA SER C 160 23.74 7.70 -15.53
C SER C 160 23.54 7.89 -17.01
N THR C 161 23.76 6.85 -17.83
CA THR C 161 23.60 7.05 -19.27
C THR C 161 22.14 7.25 -19.58
N THR C 162 21.27 6.65 -18.78
CA THR C 162 19.79 6.75 -18.96
C THR C 162 19.30 8.10 -18.51
N LEU C 163 19.76 8.52 -17.35
CA LEU C 163 19.42 9.82 -16.82
C LEU C 163 19.95 10.95 -17.70
N GLU C 164 21.15 10.79 -18.26
CA GLU C 164 21.72 11.84 -19.11
C GLU C 164 21.00 11.94 -20.46
N ALA C 165 20.69 10.79 -21.07
CA ALA C 165 19.86 10.69 -22.31
C ALA C 165 18.40 11.16 -22.13
N ALA C 166 17.78 10.86 -20.99
CA ALA C 166 16.38 11.24 -20.76
C ALA C 166 16.24 12.74 -20.44
N GLY C 167 17.23 13.26 -19.71
CA GLY C 167 17.18 14.63 -19.19
C GLY C 167 16.47 14.87 -17.86
N ASP C 168 16.32 16.16 -17.54
CA ASP C 168 15.60 16.75 -16.41
C ASP C 168 14.22 16.29 -16.10
N ARG C 169 13.51 15.80 -17.10
CA ARG C 169 12.14 15.37 -16.83
C ARG C 169 12.07 14.09 -16.01
N VAL C 170 13.23 13.43 -15.84
CA VAL C 170 13.41 12.39 -14.84
C VAL C 170 13.77 12.95 -13.47
N HIS C 171 12.80 12.87 -12.55
CA HIS C 171 12.99 13.28 -11.17
C HIS C 171 13.56 12.11 -10.41
N VAL C 172 14.67 12.41 -9.72
CA VAL C 172 15.37 11.43 -8.91
C VAL C 172 15.47 11.92 -7.50
N ASN C 173 15.55 10.95 -6.59
CA ASN C 173 15.80 11.22 -5.17
C ASN C 173 17.31 11.40 -4.89
N GLY C 174 18.14 10.92 -5.81
CA GLY C 174 19.56 10.77 -5.54
C GLY C 174 20.14 9.49 -6.15
N ASN C 175 21.29 9.08 -5.60
CA ASN C 175 22.10 7.99 -6.09
C ASN C 175 23.01 7.39 -4.99
N ARG C 176 23.60 6.24 -5.32
CA ARG C 176 24.53 5.43 -4.52
C ARG C 176 25.50 4.98 -5.63
N THR C 177 26.74 4.67 -5.25
CA THR C 177 27.59 3.85 -6.08
C THR C 177 27.67 2.45 -5.51
N VAL C 178 27.56 1.46 -6.39
CA VAL C 178 27.72 0.06 -6.01
C VAL C 178 28.95 -0.60 -6.69
N GLN C 179 29.53 -1.60 -6.03
CA GLN C 179 30.65 -2.33 -6.58
C GLN C 179 30.30 -3.84 -6.60
N PRO C 180 29.67 -4.31 -7.67
CA PRO C 180 29.30 -5.72 -7.77
C PRO C 180 30.50 -6.71 -7.76
N LYS C 181 30.21 -7.99 -7.45
CA LYS C 181 31.19 -9.13 -7.57
C LYS C 181 32.14 -9.10 -8.78
N GLY C 182 33.45 -9.14 -8.50
CA GLY C 182 34.53 -9.00 -9.49
C GLY C 182 34.15 -8.43 -10.85
N VAL C 183 33.97 -7.11 -10.87
CA VAL C 183 33.57 -6.36 -12.08
C VAL C 183 34.30 -5.03 -12.00
N LYS C 184 35.40 -4.92 -12.76
CA LYS C 184 36.39 -3.85 -12.56
C LYS C 184 35.87 -2.45 -12.13
N ASP C 185 34.86 -1.93 -12.83
CA ASP C 185 34.39 -0.56 -12.56
C ASP C 185 33.06 -0.43 -11.74
N PRO C 186 33.04 0.52 -10.79
CA PRO C 186 31.84 0.87 -10.00
C PRO C 186 30.64 1.31 -10.84
N VAL C 187 29.45 0.96 -10.38
CA VAL C 187 28.21 1.41 -11.01
C VAL C 187 27.46 2.44 -10.14
N VAL C 188 27.24 3.63 -10.68
CA VAL C 188 26.32 4.54 -10.03
C VAL C 188 24.85 4.24 -10.44
N ILE C 189 23.97 4.21 -9.42
CA ILE C 189 22.57 3.90 -9.64
C ILE C 189 21.67 5.01 -9.12
N TRP C 190 20.75 5.46 -9.95
CA TRP C 190 19.87 6.54 -9.54
C TRP C 190 18.48 6.06 -9.22
N ASP C 191 17.98 6.56 -8.08
CA ASP C 191 16.62 6.29 -7.64
C ASP C 191 15.57 7.25 -8.25
N VAL C 192 14.64 6.71 -9.05
CA VAL C 192 13.59 7.52 -9.69
C VAL C 192 12.37 7.82 -8.78
N ALA C 193 12.02 9.11 -8.66
CA ALA C 193 10.74 9.51 -8.03
C ALA C 193 9.55 9.71 -8.98
N GLY C 194 9.82 10.13 -10.20
CA GLY C 194 8.72 10.41 -11.13
C GLY C 194 9.21 10.95 -12.43
N VAL C 195 8.27 11.34 -13.30
CA VAL C 195 8.57 11.95 -14.60
C VAL C 195 7.65 13.15 -14.85
N GLY C 196 8.21 14.19 -15.45
CA GLY C 196 7.52 15.44 -15.60
C GLY C 196 6.73 15.47 -16.88
N GLU C 197 6.60 16.65 -17.47
CA GLU C 197 5.79 16.84 -18.67
C GLU C 197 6.31 16.06 -19.84
N PRO C 198 5.41 15.50 -20.63
CA PRO C 198 3.94 15.47 -20.46
C PRO C 198 3.37 14.28 -19.72
N TYR C 199 4.12 13.63 -18.83
CA TYR C 199 3.63 12.43 -18.19
C TYR C 199 3.03 12.74 -16.85
N ASN C 200 3.78 13.53 -16.06
CA ASN C 200 3.31 13.95 -14.78
C ASN C 200 2.94 12.76 -13.87
N LEU C 201 3.82 11.76 -13.85
CA LEU C 201 3.65 10.55 -13.04
C LEU C 201 4.57 10.54 -11.84
N SER C 202 4.00 10.43 -10.65
CA SER C 202 4.81 10.35 -9.46
C SER C 202 4.68 8.99 -8.77
N LEU C 203 5.78 8.56 -8.17
CA LEU C 203 5.77 7.41 -7.25
C LEU C 203 5.49 7.82 -5.79
N ALA C 204 5.40 9.12 -5.54
CA ALA C 204 5.26 9.67 -4.19
C ALA C 204 3.99 9.20 -3.53
N VAL C 205 4.05 9.14 -2.20
CA VAL C 205 2.91 8.78 -1.34
C VAL C 205 2.12 10.04 -1.00
N GLU C 206 2.47 11.15 -1.67
CA GLU C 206 1.61 12.35 -1.72
C GLU C 206 1.60 12.95 -3.13
N LYS D 7 -5.12 -23.61 -22.13
CA LYS D 7 -5.03 -24.47 -20.89
C LYS D 7 -3.61 -24.85 -20.40
N MET D 8 -3.25 -24.26 -19.25
CA MET D 8 -2.31 -24.82 -18.27
C MET D 8 -2.27 -23.82 -17.10
N GLY D 9 -3.18 -24.02 -16.15
CA GLY D 9 -3.40 -23.12 -15.04
C GLY D 9 -2.55 -23.42 -13.82
N GLY D 10 -1.52 -24.24 -14.00
CA GLY D 10 -0.50 -24.40 -12.99
C GLY D 10 -0.41 -25.75 -12.31
N ASP D 11 0.80 -26.31 -12.34
CA ASP D 11 1.09 -27.54 -11.64
C ASP D 11 2.48 -27.45 -11.05
N ARG D 12 2.61 -27.80 -9.79
CA ARG D 12 3.90 -28.05 -9.16
C ARG D 12 4.28 -29.53 -9.34
N ARG D 13 5.31 -29.82 -10.13
CA ARG D 13 5.74 -31.22 -10.41
C ARG D 13 7.25 -31.19 -10.57
N PRO D 14 7.90 -32.36 -10.37
CA PRO D 14 9.35 -32.39 -10.70
C PRO D 14 9.63 -32.31 -12.19
N ILE D 15 10.61 -31.49 -12.51
CA ILE D 15 11.03 -31.20 -13.87
C ILE D 15 12.53 -31.26 -13.81
N THR D 16 13.16 -31.73 -14.88
CA THR D 16 14.59 -31.56 -15.02
C THR D 16 14.90 -30.33 -15.90
N ILE D 17 15.74 -29.44 -15.39
CA ILE D 17 16.07 -28.16 -16.09
C ILE D 17 17.51 -28.16 -16.59
N LEU D 18 17.71 -27.77 -17.83
CA LEU D 18 19.05 -27.59 -18.44
C LEU D 18 19.18 -26.14 -18.88
N THR D 19 20.25 -25.48 -18.47
CA THR D 19 20.60 -24.17 -18.99
C THR D 19 22.06 -24.15 -19.45
N SER D 20 22.28 -23.59 -20.65
CA SER D 20 23.61 -23.46 -21.18
C SER D 20 23.93 -21.99 -21.32
N ASP D 21 25.22 -21.70 -21.34
CA ASP D 21 25.73 -20.34 -21.40
C ASP D 21 27.08 -20.40 -22.14
N LEU D 22 27.40 -19.35 -22.91
CA LEU D 22 28.63 -19.29 -23.66
C LEU D 22 29.61 -18.44 -22.87
N ARG D 23 30.45 -19.10 -22.06
CA ARG D 23 31.39 -18.46 -21.13
C ARG D 23 32.19 -17.38 -21.83
N GLY D 24 32.05 -16.16 -21.36
CA GLY D 24 32.85 -15.07 -21.85
C GLY D 24 32.31 -14.44 -23.13
N PHE D 25 31.30 -15.04 -23.73
CA PHE D 25 30.86 -14.56 -25.04
C PHE D 25 30.26 -13.14 -25.03
N THR D 26 29.47 -12.76 -24.02
CA THR D 26 28.79 -11.47 -24.12
C THR D 26 29.84 -10.41 -24.12
N SER D 27 30.87 -10.60 -23.29
CA SER D 27 32.06 -9.73 -23.28
C SER D 27 32.84 -9.78 -24.57
N THR D 28 33.13 -10.96 -25.12
CA THR D 28 33.89 -10.96 -26.38
C THR D 28 33.08 -10.40 -27.55
N SER D 29 31.75 -10.50 -27.46
CA SER D 29 30.85 -9.82 -28.42
C SER D 29 31.03 -8.30 -28.50
N GLU D 30 31.61 -7.68 -27.47
CA GLU D 30 31.87 -6.22 -27.48
C GLU D 30 32.91 -5.85 -28.51
N GLY D 31 33.80 -6.79 -28.78
CA GLY D 31 34.87 -6.59 -29.78
C GLY D 31 34.57 -7.20 -31.14
N LEU D 32 33.35 -7.71 -31.38
CA LEU D 32 32.99 -8.29 -32.69
C LEU D 32 32.14 -7.39 -33.64
N ASN D 33 32.21 -7.63 -34.96
CA ASN D 33 31.23 -7.08 -35.92
C ASN D 33 29.80 -7.55 -35.59
N PRO D 34 28.79 -6.65 -35.53
CA PRO D 34 27.36 -7.06 -35.34
C PRO D 34 26.84 -8.27 -36.16
N GLU D 35 27.12 -8.32 -37.45
CA GLU D 35 26.71 -9.47 -38.28
C GLU D 35 27.47 -10.78 -37.88
N GLU D 36 28.73 -10.63 -37.48
CA GLU D 36 29.56 -11.70 -36.88
C GLU D 36 28.99 -12.29 -35.60
N VAL D 37 28.49 -11.43 -34.70
CA VAL D 37 27.93 -11.98 -33.48
C VAL D 37 26.56 -12.61 -33.72
N VAL D 38 25.75 -12.00 -34.59
CA VAL D 38 24.48 -12.61 -34.95
C VAL D 38 24.65 -14.01 -35.62
N LYS D 39 25.56 -14.09 -36.58
CA LYS D 39 25.89 -15.31 -37.31
C LYS D 39 26.34 -16.50 -36.43
N VAL D 40 27.38 -16.26 -35.62
CA VAL D 40 27.88 -17.22 -34.60
C VAL D 40 26.74 -17.73 -33.69
N LEU D 41 25.95 -16.80 -33.14
CA LEU D 41 24.74 -17.17 -32.39
C LEU D 41 23.76 -18.09 -33.14
N ASN D 42 23.50 -17.81 -34.41
CA ASN D 42 22.59 -18.63 -35.19
C ASN D 42 23.21 -19.95 -35.59
N ILE D 43 24.53 -19.99 -35.74
CA ILE D 43 25.17 -21.27 -35.97
C ILE D 43 25.00 -22.14 -34.70
N TYR D 44 25.39 -21.57 -33.58
CA TYR D 44 25.21 -22.20 -32.30
C TYR D 44 23.78 -22.64 -31.99
N PHE D 45 22.82 -21.72 -32.04
CA PHE D 45 21.42 -22.08 -31.77
C PHE D 45 20.87 -23.09 -32.76
N GLY D 46 21.16 -22.90 -34.05
CA GLY D 46 20.75 -23.84 -35.08
C GLY D 46 21.10 -25.28 -34.71
N LYS D 47 22.32 -25.46 -34.20
CA LYS D 47 22.84 -26.77 -33.89
C LYS D 47 22.36 -27.32 -32.54
N MET D 48 22.27 -26.44 -31.54
CA MET D 48 21.79 -26.85 -30.23
C MET D 48 20.31 -27.30 -30.30
N ALA D 49 19.45 -26.54 -31.00
CA ALA D 49 18.04 -26.89 -31.21
C ALA D 49 17.89 -28.26 -31.84
N ASP D 50 18.71 -28.55 -32.86
CA ASP D 50 18.83 -29.91 -33.44
C ASP D 50 19.07 -31.01 -32.42
N VAL D 51 20.09 -30.85 -31.56
CA VAL D 51 20.34 -31.85 -30.53
C VAL D 51 19.25 -31.96 -29.44
N ILE D 52 18.78 -30.80 -28.97
CA ILE D 52 17.70 -30.71 -27.99
C ILE D 52 16.44 -31.44 -28.47
N THR D 53 16.08 -31.23 -29.74
CA THR D 53 14.92 -31.88 -30.35
C THR D 53 15.09 -33.40 -30.43
N HIS D 54 16.24 -33.82 -30.94
CA HIS D 54 16.60 -35.24 -30.95
C HIS D 54 16.42 -35.88 -29.55
N HIS D 55 16.57 -35.09 -28.49
CA HIS D 55 16.43 -35.64 -27.13
C HIS D 55 15.09 -35.31 -26.47
N GLY D 56 14.18 -34.77 -27.28
CA GLY D 56 12.80 -34.44 -26.88
C GLY D 56 12.78 -33.50 -25.69
N GLY D 57 13.68 -32.52 -25.68
CA GLY D 57 13.60 -31.44 -24.69
C GLY D 57 12.78 -30.29 -25.18
N THR D 58 12.30 -29.45 -24.28
CA THR D 58 11.54 -28.26 -24.68
C THR D 58 12.41 -27.01 -24.56
N ILE D 59 12.76 -26.37 -25.67
CA ILE D 59 13.45 -25.06 -25.59
C ILE D 59 12.47 -24.04 -25.04
N ASP D 60 12.70 -23.58 -23.83
CA ASP D 60 11.81 -22.62 -23.17
C ASP D 60 12.18 -21.20 -23.66
N GLU D 61 13.48 -20.88 -23.68
CA GLU D 61 13.97 -19.65 -24.31
C GLU D 61 15.41 -19.67 -24.82
N PHE D 62 15.61 -19.03 -25.97
CA PHE D 62 16.93 -18.59 -26.47
C PHE D 62 17.21 -17.21 -25.90
N MET D 63 18.26 -17.10 -25.09
CA MET D 63 18.70 -15.80 -24.59
C MET D 63 19.87 -15.32 -25.40
N GLY D 64 20.26 -14.08 -25.17
CA GLY D 64 21.51 -13.57 -25.72
C GLY D 64 22.63 -14.58 -25.91
N ASP D 65 23.02 -15.30 -24.87
CA ASP D 65 24.11 -16.27 -25.01
C ASP D 65 23.86 -17.64 -24.37
N GLY D 66 22.67 -18.16 -24.50
CA GLY D 66 22.24 -19.27 -23.65
C GLY D 66 20.88 -19.81 -24.02
N ILE D 67 20.53 -20.95 -23.42
CA ILE D 67 19.31 -21.67 -23.72
C ILE D 67 18.77 -22.18 -22.40
N LEU D 68 17.47 -22.07 -22.17
CA LEU D 68 16.79 -22.73 -21.05
C LEU D 68 15.96 -23.78 -21.71
N VAL D 69 16.19 -25.02 -21.31
CA VAL D 69 15.53 -26.24 -21.80
C VAL D 69 14.87 -26.98 -20.65
N LEU D 70 13.66 -27.46 -20.89
CA LEU D 70 12.87 -28.20 -19.93
C LEU D 70 12.73 -29.66 -20.36
N PHE D 71 13.01 -30.57 -19.42
CA PHE D 71 12.72 -32.00 -19.61
C PHE D 71 11.67 -32.46 -18.55
N GLY D 72 10.44 -32.62 -19.03
CA GLY D 72 9.33 -32.99 -18.17
C GLY D 72 8.22 -31.96 -18.15
N ALA D 73 8.27 -31.04 -19.11
CA ALA D 73 7.14 -30.14 -19.38
C ALA D 73 7.13 -29.78 -20.88
N PRO D 74 5.93 -29.77 -21.51
CA PRO D 74 4.58 -29.98 -20.94
C PRO D 74 4.21 -31.45 -20.65
N THR D 75 4.96 -32.39 -21.23
CA THR D 75 4.74 -33.80 -20.98
C THR D 75 5.93 -34.34 -20.17
N SER D 76 5.91 -35.60 -19.81
CA SER D 76 6.93 -36.08 -18.91
C SER D 76 7.05 -37.56 -19.09
N GLN D 77 8.19 -38.11 -18.78
CA GLN D 77 8.28 -39.55 -18.73
C GLN D 77 9.37 -39.99 -17.74
N GLN D 78 9.60 -41.28 -17.65
CA GLN D 78 10.48 -41.87 -16.66
C GLN D 78 11.95 -41.44 -16.85
N ASP D 79 12.35 -41.25 -18.10
CA ASP D 79 13.75 -40.99 -18.42
C ASP D 79 14.11 -39.52 -18.64
N ASP D 80 13.27 -38.60 -18.16
CA ASP D 80 13.49 -37.17 -18.32
C ASP D 80 14.92 -36.78 -17.95
N ALA D 81 15.33 -37.06 -16.71
CA ALA D 81 16.67 -36.66 -16.25
C ALA D 81 17.81 -37.28 -17.08
N LEU D 82 17.62 -38.48 -17.56
CA LEU D 82 18.63 -39.20 -18.30
C LEU D 82 18.84 -38.57 -19.69
N ARG D 83 17.73 -38.34 -20.38
CA ARG D 83 17.72 -37.59 -21.64
C ARG D 83 18.28 -36.16 -21.52
N ALA D 84 18.00 -35.48 -20.40
CA ALA D 84 18.59 -34.18 -20.10
C ALA D 84 20.13 -34.25 -20.02
N VAL D 85 20.67 -35.28 -19.35
CA VAL D 85 22.10 -35.43 -19.25
C VAL D 85 22.71 -35.82 -20.57
N ALA D 86 22.07 -36.76 -21.28
CA ALA D 86 22.58 -37.19 -22.59
C ALA D 86 22.60 -36.05 -23.56
N CYS D 87 21.61 -35.17 -23.41
CA CYS D 87 21.42 -34.00 -24.27
C CYS D 87 22.51 -33.00 -24.01
N GLY D 88 22.80 -32.71 -22.74
CA GLY D 88 23.92 -31.87 -22.41
C GLY D 88 25.25 -32.42 -22.88
N VAL D 89 25.49 -33.73 -22.73
CA VAL D 89 26.70 -34.34 -23.36
C VAL D 89 26.79 -34.10 -24.89
N GLU D 90 25.69 -34.33 -25.59
CA GLU D 90 25.66 -34.18 -27.01
C GLU D 90 25.77 -32.72 -27.45
N MET D 91 25.17 -31.79 -26.71
CA MET D 91 25.31 -30.35 -27.01
C MET D 91 26.79 -30.02 -26.98
N GLN D 92 27.42 -30.49 -25.91
CA GLN D 92 28.83 -30.21 -25.70
C GLN D 92 29.72 -30.80 -26.80
N LEU D 93 29.44 -32.03 -27.21
CA LEU D 93 30.11 -32.60 -28.41
C LEU D 93 29.75 -31.92 -29.74
N ALA D 94 28.50 -31.50 -29.86
CA ALA D 94 27.99 -30.72 -31.01
C ALA D 94 28.68 -29.35 -31.17
N LEU D 95 29.06 -28.77 -30.06
CA LEU D 95 29.78 -27.50 -30.08
C LEU D 95 31.13 -27.55 -30.84
N ARG D 96 31.79 -28.72 -30.85
CA ARG D 96 33.07 -28.87 -31.54
C ARG D 96 32.82 -28.69 -33.02
N GLU D 97 31.69 -29.23 -33.50
CA GLU D 97 31.23 -29.02 -34.87
C GLU D 97 30.82 -27.58 -35.15
N VAL D 98 30.17 -26.89 -34.23
CA VAL D 98 29.89 -25.49 -34.54
C VAL D 98 31.20 -24.71 -34.53
N ASN D 99 32.11 -25.08 -33.64
CA ASN D 99 33.41 -24.43 -33.53
C ASN D 99 34.29 -24.53 -34.80
N GLN D 100 34.18 -25.64 -35.56
CA GLN D 100 34.77 -25.76 -36.91
C GLN D 100 34.26 -24.66 -37.85
N GLN D 101 32.97 -24.37 -37.79
CA GLN D 101 32.42 -23.28 -38.61
C GLN D 101 32.84 -21.90 -38.11
N VAL D 102 32.60 -21.61 -36.83
CA VAL D 102 32.98 -20.34 -36.19
C VAL D 102 34.46 -20.02 -36.48
N THR D 103 35.25 -21.05 -36.27
CA THR D 103 36.67 -21.00 -36.40
C THR D 103 37.11 -20.88 -37.89
N GLY D 104 36.29 -21.35 -38.83
CA GLY D 104 36.52 -21.13 -40.27
C GLY D 104 36.45 -19.66 -40.70
N LEU D 105 35.63 -18.89 -39.98
CA LEU D 105 35.47 -17.44 -40.18
C LEU D 105 36.58 -16.60 -39.53
N GLY D 106 37.50 -17.23 -38.80
CA GLY D 106 38.57 -16.49 -38.15
C GLY D 106 38.19 -15.89 -36.83
N LEU D 107 37.13 -16.43 -36.23
CA LEU D 107 36.68 -16.02 -34.92
C LEU D 107 37.18 -17.01 -33.87
N GLN D 108 37.37 -16.53 -32.64
CA GLN D 108 37.77 -17.37 -31.50
C GLN D 108 36.71 -18.49 -31.29
N PRO D 109 37.16 -19.68 -30.79
CA PRO D 109 36.21 -20.75 -30.40
C PRO D 109 35.27 -20.35 -29.26
N LEU D 110 33.98 -20.67 -29.42
CA LEU D 110 32.99 -20.68 -28.37
C LEU D 110 33.29 -21.68 -27.24
N GLU D 111 33.12 -21.26 -25.99
CA GLU D 111 33.25 -22.12 -24.81
C GLU D 111 31.84 -22.22 -24.19
N MET D 112 31.40 -23.40 -23.82
CA MET D 112 30.06 -23.51 -23.24
C MET D 112 30.09 -24.24 -21.89
N GLY D 113 29.42 -23.66 -20.88
CA GLY D 113 29.06 -24.37 -19.62
C GLY D 113 27.58 -24.82 -19.58
N ILE D 114 27.33 -25.99 -18.97
CA ILE D 114 25.96 -26.50 -18.77
C ILE D 114 25.64 -26.89 -17.30
N GLY D 115 24.52 -26.39 -16.79
CA GLY D 115 24.01 -26.80 -15.52
C GLY D 115 22.71 -27.54 -15.70
N ILE D 116 22.52 -28.60 -14.92
CA ILE D 116 21.29 -29.38 -15.00
C ILE D 116 20.81 -29.63 -13.55
N ASN D 117 19.54 -29.32 -13.30
CA ASN D 117 18.94 -29.52 -12.00
C ASN D 117 17.58 -30.24 -12.13
N THR D 118 17.23 -31.01 -11.10
CA THR D 118 15.93 -31.62 -11.05
C THR D 118 15.22 -31.29 -9.76
N GLY D 119 13.97 -30.87 -9.87
CA GLY D 119 13.28 -30.31 -8.73
C GLY D 119 11.89 -29.94 -9.11
N GLU D 120 11.08 -29.74 -8.07
CA GLU D 120 9.71 -29.22 -8.16
C GLU D 120 9.72 -27.79 -8.61
N VAL D 121 8.96 -27.54 -9.66
CA VAL D 121 8.80 -26.21 -10.24
C VAL D 121 7.29 -26.01 -10.49
N VAL D 122 6.84 -24.76 -10.64
CA VAL D 122 5.51 -24.44 -11.18
C VAL D 122 5.61 -24.30 -12.70
N VAL D 123 4.78 -25.06 -13.43
CA VAL D 123 4.68 -24.96 -14.89
C VAL D 123 3.32 -24.43 -15.18
N GLY D 124 3.21 -23.59 -16.19
CA GLY D 124 1.91 -23.12 -16.68
C GLY D 124 2.06 -22.31 -17.94
N ASN D 125 0.94 -22.10 -18.64
CA ASN D 125 0.82 -21.04 -19.60
C ASN D 125 0.84 -19.67 -18.93
N ILE D 126 1.97 -18.99 -19.12
CA ILE D 126 2.30 -17.73 -18.47
C ILE D 126 2.37 -16.63 -19.52
N GLY D 127 1.68 -15.51 -19.30
CA GLY D 127 1.80 -14.35 -20.17
C GLY D 127 0.60 -13.42 -20.25
N SER D 128 0.45 -12.81 -21.42
CA SER D 128 -0.64 -11.89 -21.72
C SER D 128 -1.36 -12.45 -22.94
N GLU D 129 -2.61 -12.05 -23.14
CA GLU D 129 -3.45 -12.60 -24.21
C GLU D 129 -2.60 -13.06 -25.39
N LYS D 130 -1.85 -12.10 -25.95
CA LYS D 130 -1.06 -12.29 -27.18
C LYS D 130 0.22 -13.11 -27.07
N ARG D 131 0.90 -13.09 -25.90
CA ARG D 131 2.24 -13.71 -25.76
C ARG D 131 2.36 -14.74 -24.63
N THR D 132 1.55 -15.79 -24.64
CA THR D 132 1.62 -16.84 -23.62
C THR D 132 2.71 -17.82 -24.00
N LYS D 133 3.27 -18.51 -23.01
CA LYS D 133 4.23 -19.59 -23.22
C LYS D 133 4.23 -20.51 -22.02
N TYR D 134 4.79 -21.72 -22.19
CA TYR D 134 5.09 -22.57 -21.04
C TYR D 134 6.27 -21.96 -20.31
N GLY D 135 5.97 -21.36 -19.16
CA GLY D 135 7.00 -20.81 -18.33
C GLY D 135 7.16 -21.75 -17.17
N VAL D 136 8.06 -21.39 -16.28
CA VAL D 136 8.51 -22.28 -15.25
C VAL D 136 8.95 -21.37 -14.08
N VAL D 137 8.55 -21.68 -12.85
CA VAL D 137 8.79 -20.80 -11.68
C VAL D 137 9.15 -21.57 -10.40
N GLY D 138 10.13 -21.07 -9.67
CA GLY D 138 10.45 -21.54 -8.34
C GLY D 138 11.95 -21.47 -8.16
N ALA D 139 12.38 -21.57 -6.90
CA ALA D 139 13.79 -21.67 -6.48
C ALA D 139 14.68 -22.70 -7.21
N GLN D 140 14.08 -23.70 -7.84
CA GLN D 140 14.78 -24.84 -8.42
C GLN D 140 15.25 -24.45 -9.81
N VAL D 141 14.49 -23.57 -10.46
CA VAL D 141 14.91 -23.08 -11.78
C VAL D 141 16.10 -22.15 -11.61
N ASN D 142 16.04 -21.32 -10.57
CA ASN D 142 17.09 -20.38 -10.21
C ASN D 142 18.39 -21.13 -9.86
N LEU D 143 18.24 -22.28 -9.20
CA LEU D 143 19.32 -23.16 -8.74
C LEU D 143 20.14 -23.68 -9.91
N THR D 144 19.48 -23.99 -11.01
CA THR D 144 20.15 -24.54 -12.15
C THR D 144 21.05 -23.51 -12.86
N TYR D 145 20.70 -22.22 -12.79
CA TYR D 145 21.58 -21.15 -13.28
C TYR D 145 22.77 -20.98 -12.33
N ARG D 146 22.54 -21.13 -11.02
CA ARG D 146 23.63 -21.09 -10.04
C ARG D 146 24.65 -22.20 -10.29
N ILE D 147 24.14 -23.41 -10.54
CA ILE D 147 24.93 -24.63 -10.78
C ILE D 147 25.80 -24.44 -12.05
N GLU D 148 25.19 -23.84 -13.06
CA GLU D 148 25.85 -23.57 -14.29
C GLU D 148 26.99 -22.56 -14.11
N SER D 149 26.79 -21.60 -13.23
CA SER D 149 27.79 -20.54 -13.02
C SER D 149 29.18 -21.04 -12.55
N TYR D 150 29.21 -22.17 -11.84
CA TYR D 150 30.45 -22.78 -11.35
C TYR D 150 31.24 -23.53 -12.43
N THR D 151 30.63 -23.68 -13.58
CA THR D 151 31.15 -24.47 -14.66
C THR D 151 32.22 -23.61 -15.31
N THR D 152 33.24 -24.25 -15.89
CA THR D 152 34.10 -23.68 -16.94
C THR D 152 33.73 -24.19 -18.34
N GLY D 153 34.43 -23.71 -19.37
CA GLY D 153 34.22 -24.15 -20.74
C GLY D 153 34.40 -25.66 -20.86
N GLY D 154 33.45 -26.29 -21.52
CA GLY D 154 33.49 -27.73 -21.66
C GLY D 154 32.71 -28.54 -20.64
N GLN D 155 32.38 -27.98 -19.48
CA GLN D 155 31.78 -28.84 -18.44
C GLN D 155 30.28 -28.87 -18.28
N ILE D 156 29.82 -29.99 -17.76
CA ILE D 156 28.44 -30.16 -17.34
C ILE D 156 28.38 -30.48 -15.85
N PHE D 157 27.73 -29.58 -15.08
CA PHE D 157 27.48 -29.78 -13.65
C PHE D 157 25.97 -30.14 -13.44
N ILE D 158 25.71 -31.30 -12.84
CA ILE D 158 24.31 -31.73 -12.54
C ILE D 158 24.10 -31.86 -11.01
N SER D 159 22.89 -31.54 -10.53
CA SER D 159 22.63 -31.71 -9.11
C SER D 159 22.58 -33.21 -8.78
N SER D 160 22.67 -33.49 -7.49
CA SER D 160 22.43 -34.83 -6.96
C SER D 160 21.07 -35.39 -7.34
N THR D 161 20.04 -34.54 -7.37
CA THR D 161 18.67 -34.96 -7.72
C THR D 161 18.58 -35.45 -9.17
N THR D 162 19.31 -34.81 -10.08
CA THR D 162 19.36 -35.23 -11.50
C THR D 162 20.12 -36.55 -11.58
N LEU D 163 21.19 -36.68 -10.78
CA LEU D 163 21.98 -37.90 -10.83
C LEU D 163 21.17 -39.12 -10.36
N GLU D 164 20.46 -39.02 -9.23
CA GLU D 164 19.64 -40.15 -8.79
C GLU D 164 18.47 -40.40 -9.70
N ALA D 165 17.90 -39.33 -10.29
CA ALA D 165 16.77 -39.52 -11.16
C ALA D 165 17.23 -40.07 -12.53
N ALA D 166 18.46 -39.74 -12.99
CA ALA D 166 19.02 -40.25 -14.24
C ALA D 166 19.57 -41.66 -14.03
N GLY D 167 20.16 -41.89 -12.86
CA GLY D 167 20.72 -43.17 -12.55
C GLY D 167 22.12 -43.41 -13.11
N ASP D 168 22.59 -44.61 -12.82
CA ASP D 168 23.80 -45.36 -13.17
C ASP D 168 24.52 -45.15 -14.50
N ARG D 169 23.78 -44.87 -15.55
CA ARG D 169 24.36 -44.72 -16.88
C ARG D 169 24.97 -43.34 -17.04
N VAL D 170 24.66 -42.40 -16.14
CA VAL D 170 25.39 -41.14 -16.13
C VAL D 170 26.76 -41.38 -15.46
N HIS D 171 27.82 -41.05 -16.20
CA HIS D 171 29.19 -41.17 -15.69
C HIS D 171 29.74 -39.82 -15.18
N VAL D 172 30.31 -39.90 -14.00
CA VAL D 172 30.54 -38.72 -13.23
C VAL D 172 32.02 -38.74 -12.82
N ASN D 173 32.70 -37.59 -13.02
CA ASN D 173 34.15 -37.42 -12.76
C ASN D 173 34.52 -36.98 -11.40
N GLY D 174 33.57 -36.66 -10.53
CA GLY D 174 33.93 -35.91 -9.31
C GLY D 174 32.82 -34.95 -8.93
N ASN D 175 32.97 -34.33 -7.77
CA ASN D 175 31.93 -33.47 -7.25
C ASN D 175 32.43 -32.23 -6.56
N ARG D 176 31.52 -31.28 -6.41
CA ARG D 176 31.83 -30.09 -5.66
C ARG D 176 30.66 -29.81 -4.76
N THR D 177 30.98 -29.22 -3.63
CA THR D 177 30.00 -28.91 -2.63
C THR D 177 29.94 -27.41 -2.56
N VAL D 178 28.76 -26.91 -2.83
CA VAL D 178 28.58 -25.53 -3.14
C VAL D 178 27.37 -25.02 -2.37
N GLN D 179 27.51 -23.84 -1.79
CA GLN D 179 26.50 -23.24 -0.92
C GLN D 179 26.43 -21.80 -1.41
N PRO D 180 25.61 -21.55 -2.46
CA PRO D 180 25.59 -20.20 -3.04
C PRO D 180 24.93 -19.18 -2.08
N LYS D 181 25.26 -17.88 -2.24
CA LYS D 181 24.66 -16.79 -1.44
C LYS D 181 23.13 -16.92 -1.37
N GLY D 182 22.59 -16.75 -0.17
CA GLY D 182 21.13 -16.78 0.06
C GLY D 182 20.36 -18.01 -0.38
N VAL D 183 21.05 -19.09 -0.75
CA VAL D 183 20.40 -20.37 -0.99
C VAL D 183 20.32 -21.18 0.30
N LYS D 184 19.31 -22.04 0.39
CA LYS D 184 18.99 -22.75 1.62
C LYS D 184 20.17 -23.58 2.17
N ASP D 185 20.21 -24.88 1.85
CA ASP D 185 21.33 -25.74 2.27
C ASP D 185 22.60 -25.69 1.35
N PRO D 186 23.63 -26.52 1.66
CA PRO D 186 24.66 -26.80 0.66
C PRO D 186 24.18 -27.86 -0.35
N VAL D 187 24.55 -27.66 -1.63
CA VAL D 187 24.13 -28.51 -2.76
C VAL D 187 25.38 -29.17 -3.33
N VAL D 188 25.41 -30.49 -3.43
CA VAL D 188 26.49 -31.14 -4.16
C VAL D 188 26.19 -31.35 -5.65
N ILE D 189 27.16 -30.93 -6.46
CA ILE D 189 27.11 -30.98 -7.92
C ILE D 189 28.13 -31.98 -8.48
N TRP D 190 27.79 -32.59 -9.60
CA TRP D 190 28.57 -33.65 -10.14
C TRP D 190 29.02 -33.27 -11.54
N ASP D 191 30.30 -33.40 -11.77
CA ASP D 191 30.89 -33.16 -13.05
C ASP D 191 30.64 -34.34 -13.94
N VAL D 192 29.94 -34.13 -15.02
CA VAL D 192 29.65 -35.22 -15.92
C VAL D 192 30.77 -35.55 -16.94
N ALA D 193 31.20 -36.81 -16.94
CA ALA D 193 32.08 -37.40 -17.94
C ALA D 193 31.36 -37.92 -19.19
N GLY D 194 30.20 -38.56 -19.04
CA GLY D 194 29.60 -39.19 -20.22
C GLY D 194 28.30 -39.85 -19.90
N VAL D 195 27.64 -40.40 -20.90
CA VAL D 195 26.46 -41.23 -20.67
C VAL D 195 26.65 -42.60 -21.33
N GLY D 196 26.30 -43.64 -20.62
CA GLY D 196 26.45 -44.94 -21.19
C GLY D 196 25.27 -45.27 -22.07
N GLU D 197 24.95 -46.53 -22.07
CA GLU D 197 24.08 -47.16 -23.05
C GLU D 197 22.63 -46.67 -22.90
N PRO D 198 21.94 -46.38 -24.03
CA PRO D 198 22.20 -46.49 -25.48
C PRO D 198 22.95 -45.33 -26.12
N TYR D 199 23.40 -44.36 -25.33
CA TYR D 199 23.97 -43.19 -25.93
C TYR D 199 25.44 -43.38 -26.25
N ASN D 200 26.19 -44.01 -25.33
CA ASN D 200 27.68 -44.09 -25.37
C ASN D 200 28.28 -42.78 -25.83
N LEU D 201 27.96 -41.70 -25.11
CA LEU D 201 28.55 -40.40 -25.40
C LEU D 201 29.58 -40.02 -24.35
N SER D 202 30.77 -39.64 -24.77
CA SER D 202 31.86 -39.33 -23.86
C SER D 202 32.46 -37.94 -24.14
N LEU D 203 32.74 -37.16 -23.10
CA LEU D 203 33.46 -35.89 -23.26
C LEU D 203 34.99 -36.12 -23.38
N ALA D 204 35.50 -37.17 -22.72
CA ALA D 204 36.93 -37.50 -22.73
C ALA D 204 37.54 -37.25 -24.10
N VAL D 205 38.51 -36.34 -24.13
CA VAL D 205 39.18 -35.87 -25.35
C VAL D 205 40.71 -35.77 -25.12
N LYS E 7 -7.25 23.32 0.29
CA LYS E 7 -8.30 24.36 -0.24
C LYS E 7 -9.72 23.77 -0.36
N MET E 8 -9.85 22.45 -0.26
CA MET E 8 -11.17 21.78 -0.26
C MET E 8 -11.89 21.80 1.11
N GLY E 9 -11.23 21.25 2.14
CA GLY E 9 -11.66 21.31 3.56
C GLY E 9 -13.08 20.97 3.99
N GLY E 10 -13.68 21.88 4.76
CA GLY E 10 -15.03 21.73 5.32
C GLY E 10 -15.64 23.09 5.68
N ASP E 11 -16.50 23.59 4.78
CA ASP E 11 -17.09 24.95 4.88
C ASP E 11 -18.63 24.93 4.89
N ARG E 12 -19.24 25.91 5.56
CA ARG E 12 -20.69 26.13 5.44
C ARG E 12 -20.98 27.49 4.77
N ARG E 13 -21.67 27.44 3.63
CA ARG E 13 -21.84 28.61 2.76
C ARG E 13 -23.17 28.56 2.01
N PRO E 14 -23.71 29.72 1.62
CA PRO E 14 -24.79 29.81 0.61
C PRO E 14 -24.36 29.31 -0.77
N ILE E 15 -25.17 28.48 -1.40
CA ILE E 15 -24.91 28.04 -2.76
C ILE E 15 -26.27 27.84 -3.40
N THR E 16 -26.26 27.75 -4.74
CA THR E 16 -27.42 27.44 -5.53
C THR E 16 -27.20 26.04 -6.08
N ILE E 17 -28.23 25.19 -5.93
CA ILE E 17 -28.19 23.79 -6.34
C ILE E 17 -29.21 23.55 -7.47
N LEU E 18 -28.79 22.85 -8.54
CA LEU E 18 -29.64 22.53 -9.66
C LEU E 18 -29.63 21.03 -9.78
N THR E 19 -30.80 20.49 -10.08
CA THR E 19 -30.89 19.08 -10.27
C THR E 19 -31.91 18.74 -11.38
N SER E 20 -31.54 17.84 -12.27
CA SER E 20 -32.44 17.44 -13.34
C SER E 20 -32.77 15.94 -13.30
N ASP E 21 -33.92 15.56 -13.88
CA ASP E 21 -34.15 14.14 -14.10
C ASP E 21 -35.04 13.95 -15.30
N LEU E 22 -35.05 12.75 -15.84
CA LEU E 22 -35.75 12.48 -17.06
C LEU E 22 -37.07 11.83 -16.71
N ARG E 23 -38.03 12.65 -16.27
CA ARG E 23 -39.40 12.28 -15.90
C ARG E 23 -39.84 10.94 -16.48
N GLY E 24 -39.76 9.88 -15.66
CA GLY E 24 -40.25 8.54 -16.06
C GLY E 24 -39.39 7.73 -17.05
N PHE E 25 -38.14 8.12 -17.22
CA PHE E 25 -37.21 7.33 -18.04
C PHE E 25 -36.83 6.01 -17.40
N THR E 26 -36.61 5.99 -16.10
CA THR E 26 -36.16 4.76 -15.45
C THR E 26 -37.14 3.63 -15.64
N SER E 27 -38.45 3.89 -15.49
CA SER E 27 -39.43 2.86 -15.86
C SER E 27 -39.61 2.62 -17.39
N THR E 28 -39.51 3.65 -18.21
CA THR E 28 -39.41 3.46 -19.67
C THR E 28 -38.28 2.50 -20.04
N SER E 29 -37.11 2.71 -19.44
CA SER E 29 -35.88 1.97 -19.73
C SER E 29 -36.07 0.47 -19.58
N GLU E 30 -36.95 0.05 -18.65
CA GLU E 30 -37.31 -1.36 -18.43
C GLU E 30 -37.88 -2.12 -19.66
N GLY E 31 -38.48 -1.39 -20.61
CA GLY E 31 -39.00 -1.99 -21.84
C GLY E 31 -38.08 -1.70 -23.02
N LEU E 32 -36.85 -1.28 -22.70
CA LEU E 32 -35.84 -1.00 -23.70
C LEU E 32 -34.54 -1.83 -23.63
N ASN E 33 -33.93 -1.98 -24.80
CA ASN E 33 -32.65 -2.63 -25.00
C ASN E 33 -31.58 -1.87 -24.25
N PRO E 34 -30.75 -2.59 -23.44
CA PRO E 34 -29.73 -2.04 -22.54
C PRO E 34 -28.75 -1.12 -23.24
N GLU E 35 -28.36 -1.50 -24.47
CA GLU E 35 -27.43 -0.71 -25.27
C GLU E 35 -28.08 0.61 -25.66
N GLU E 36 -29.37 0.57 -26.05
CA GLU E 36 -30.10 1.81 -26.33
C GLU E 36 -30.20 2.72 -25.11
N VAL E 37 -30.37 2.14 -23.93
CA VAL E 37 -30.58 2.92 -22.71
C VAL E 37 -29.32 3.64 -22.26
N VAL E 38 -28.18 2.95 -22.30
CA VAL E 38 -26.90 3.53 -21.99
C VAL E 38 -26.52 4.64 -22.97
N LYS E 39 -26.70 4.36 -24.25
CA LYS E 39 -26.45 5.26 -25.35
C LYS E 39 -27.25 6.56 -25.26
N VAL E 40 -28.54 6.45 -24.93
CA VAL E 40 -29.40 7.62 -24.74
C VAL E 40 -28.94 8.49 -23.56
N LEU E 41 -28.54 7.87 -22.46
CA LEU E 41 -28.01 8.58 -21.29
C LEU E 41 -26.69 9.26 -21.63
N ASN E 42 -25.88 8.59 -22.40
CA ASN E 42 -24.66 9.22 -22.86
C ASN E 42 -24.86 10.49 -23.71
N ILE E 43 -25.84 10.45 -24.61
CA ILE E 43 -26.22 11.59 -25.45
C ILE E 43 -26.74 12.72 -24.60
N TYR E 44 -27.54 12.35 -23.61
CA TYR E 44 -28.14 13.30 -22.72
C TYR E 44 -27.10 13.89 -21.78
N PHE E 45 -26.33 13.03 -21.09
CA PHE E 45 -25.17 13.52 -20.30
C PHE E 45 -24.08 14.31 -21.06
N GLY E 46 -23.73 13.89 -22.28
CA GLY E 46 -22.84 14.69 -23.13
C GLY E 46 -23.28 16.14 -23.38
N LYS E 47 -24.56 16.38 -23.70
CA LYS E 47 -25.00 17.75 -24.01
C LYS E 47 -25.18 18.53 -22.76
N MET E 48 -25.83 17.92 -21.76
CA MET E 48 -26.08 18.57 -20.48
C MET E 48 -24.76 19.08 -19.88
N ALA E 49 -23.75 18.21 -19.81
CA ALA E 49 -22.44 18.60 -19.35
C ALA E 49 -21.83 19.77 -20.17
N ASP E 50 -21.95 19.74 -21.49
CA ASP E 50 -21.67 20.93 -22.33
C ASP E 50 -22.31 22.17 -21.70
N VAL E 51 -23.63 22.11 -21.52
CA VAL E 51 -24.38 23.26 -21.01
C VAL E 51 -23.87 23.69 -19.63
N ILE E 52 -23.72 22.74 -18.71
CA ILE E 52 -23.39 23.06 -17.32
C ILE E 52 -22.00 23.70 -17.21
N THR E 53 -21.06 23.22 -18.05
CA THR E 53 -19.65 23.62 -18.08
C THR E 53 -19.57 25.05 -18.54
N HIS E 54 -20.30 25.32 -19.60
CA HIS E 54 -20.49 26.65 -20.12
C HIS E 54 -21.01 27.62 -19.04
N HIS E 55 -22.07 27.26 -18.32
CA HIS E 55 -22.55 28.14 -17.25
C HIS E 55 -21.78 28.11 -15.93
N GLY E 56 -20.56 27.56 -15.94
CA GLY E 56 -19.70 27.47 -14.74
C GLY E 56 -20.22 26.69 -13.56
N GLY E 57 -21.05 25.66 -13.80
CA GLY E 57 -21.54 24.82 -12.73
C GLY E 57 -20.66 23.61 -12.51
N THR E 58 -20.54 23.16 -11.26
CA THR E 58 -19.75 21.98 -10.98
C THR E 58 -20.69 20.74 -10.91
N ILE E 59 -20.47 19.79 -11.82
CA ILE E 59 -21.29 18.59 -11.82
C ILE E 59 -20.90 17.80 -10.60
N ASP E 60 -21.79 17.76 -9.63
CA ASP E 60 -21.54 16.96 -8.45
C ASP E 60 -21.63 15.45 -8.78
N GLU E 61 -22.83 14.94 -9.09
CA GLU E 61 -22.92 13.57 -9.59
C GLU E 61 -23.89 13.34 -10.75
N PHE E 62 -23.61 12.32 -11.56
CA PHE E 62 -24.57 11.75 -12.51
C PHE E 62 -25.21 10.54 -11.82
N MET E 63 -26.52 10.58 -11.58
CA MET E 63 -27.19 9.53 -10.77
C MET E 63 -28.29 8.88 -11.56
N GLY E 64 -28.06 7.72 -12.17
CA GLY E 64 -29.09 7.01 -12.93
C GLY E 64 -29.50 7.89 -14.10
N ASP E 65 -30.66 8.54 -13.99
CA ASP E 65 -31.00 9.62 -14.96
C ASP E 65 -30.94 11.09 -14.47
N GLY E 66 -30.39 11.32 -13.30
CA GLY E 66 -30.34 12.67 -12.77
C GLY E 66 -28.94 13.23 -12.90
N ILE E 67 -28.86 14.53 -12.70
CA ILE E 67 -27.63 15.27 -12.54
C ILE E 67 -27.82 16.17 -11.29
N LEU E 68 -26.80 16.22 -10.45
CA LEU E 68 -26.77 17.17 -9.37
C LEU E 68 -25.70 18.16 -9.77
N VAL E 69 -26.07 19.45 -9.83
CA VAL E 69 -25.07 20.49 -10.06
C VAL E 69 -25.00 21.61 -9.02
N LEU E 70 -23.77 22.05 -8.74
CA LEU E 70 -23.51 23.15 -7.78
C LEU E 70 -23.12 24.45 -8.47
N PHE E 71 -23.84 25.51 -8.12
CA PHE E 71 -23.42 26.88 -8.48
C PHE E 71 -23.10 27.62 -7.18
N GLY E 72 -21.86 27.56 -6.75
CA GLY E 72 -21.46 28.25 -5.52
C GLY E 72 -20.32 27.60 -4.76
N ALA E 73 -20.13 26.31 -4.99
CA ALA E 73 -18.95 25.59 -4.52
C ALA E 73 -18.24 25.06 -5.75
N PRO E 74 -16.89 25.10 -5.76
CA PRO E 74 -16.02 25.70 -4.74
C PRO E 74 -15.87 27.23 -4.89
N THR E 75 -15.74 27.68 -6.13
CA THR E 75 -15.77 29.11 -6.50
C THR E 75 -17.19 29.64 -6.28
N SER E 76 -17.27 30.80 -5.61
CA SER E 76 -18.55 31.43 -5.28
C SER E 76 -18.59 32.84 -5.91
N GLN E 77 -19.76 33.26 -6.40
CA GLN E 77 -19.88 34.53 -7.13
C GLN E 77 -21.14 35.36 -6.83
N GLN E 78 -21.13 36.61 -7.32
CA GLN E 78 -22.26 37.53 -7.27
C GLN E 78 -23.49 36.78 -7.74
N ASP E 79 -23.35 36.22 -8.95
CA ASP E 79 -24.46 35.78 -9.79
C ASP E 79 -24.57 34.26 -9.92
N ASP E 80 -24.23 33.52 -8.86
CA ASP E 80 -24.33 32.03 -8.90
C ASP E 80 -25.75 31.57 -9.26
N ALA E 81 -26.76 32.27 -8.72
CA ALA E 81 -28.16 31.87 -8.74
C ALA E 81 -28.86 32.08 -10.09
N LEU E 82 -28.41 33.09 -10.81
CA LEU E 82 -28.89 33.48 -12.12
C LEU E 82 -28.24 32.60 -13.20
N ARG E 83 -26.94 32.39 -13.10
CA ARG E 83 -26.23 31.38 -13.91
C ARG E 83 -26.88 30.05 -13.81
N ALA E 84 -27.33 29.67 -12.62
CA ALA E 84 -28.09 28.39 -12.47
C ALA E 84 -29.39 28.37 -13.27
N VAL E 85 -30.08 29.50 -13.27
CA VAL E 85 -31.40 29.50 -13.88
C VAL E 85 -31.23 29.53 -15.39
N ALA E 86 -30.29 30.36 -15.86
CA ALA E 86 -29.89 30.36 -17.26
C ALA E 86 -29.44 28.97 -17.71
N CYS E 87 -28.71 28.29 -16.84
CA CYS E 87 -28.30 26.91 -17.13
C CYS E 87 -29.52 26.04 -17.32
N GLY E 88 -30.48 26.13 -16.39
CA GLY E 88 -31.69 25.32 -16.43
C GLY E 88 -32.45 25.46 -17.74
N VAL E 89 -32.51 26.69 -18.26
CA VAL E 89 -33.30 27.03 -19.45
C VAL E 89 -32.57 26.47 -20.68
N GLU E 90 -31.27 26.73 -20.74
CA GLU E 90 -30.43 26.19 -21.82
C GLU E 90 -30.37 24.67 -21.81
N MET E 91 -30.35 24.03 -20.63
CA MET E 91 -30.54 22.56 -20.56
C MET E 91 -31.86 22.14 -21.20
N GLN E 92 -32.96 22.79 -20.82
CA GLN E 92 -34.23 22.48 -21.46
C GLN E 92 -34.20 22.66 -22.97
N LEU E 93 -33.65 23.79 -23.43
CA LEU E 93 -33.35 24.09 -24.85
C LEU E 93 -32.39 23.08 -25.51
N ALA E 94 -31.31 22.74 -24.82
CA ALA E 94 -30.36 21.76 -25.33
C ALA E 94 -30.98 20.40 -25.55
N LEU E 95 -32.01 20.07 -24.76
CA LEU E 95 -32.75 18.79 -24.88
C LEU E 95 -33.35 18.57 -26.28
N ARG E 96 -33.63 19.66 -27.01
CA ARG E 96 -34.25 19.59 -28.33
C ARG E 96 -33.29 18.85 -29.24
N GLU E 97 -32.01 19.26 -29.20
CA GLU E 97 -30.97 18.65 -29.98
C GLU E 97 -30.79 17.16 -29.63
N VAL E 98 -30.77 16.83 -28.33
CA VAL E 98 -30.69 15.44 -27.91
C VAL E 98 -31.87 14.58 -28.38
N ASN E 99 -33.07 15.13 -28.30
CA ASN E 99 -34.24 14.40 -28.77
C ASN E 99 -34.24 14.12 -30.27
N GLN E 100 -33.62 14.96 -31.07
CA GLN E 100 -33.43 14.62 -32.48
C GLN E 100 -32.61 13.34 -32.69
N GLN E 101 -31.45 13.23 -32.03
CA GLN E 101 -30.68 11.99 -32.00
C GLN E 101 -31.41 10.79 -31.38
N VAL E 102 -32.08 11.00 -30.25
CA VAL E 102 -32.78 9.92 -29.54
C VAL E 102 -33.95 9.42 -30.38
N THR E 103 -34.72 10.36 -30.90
CA THR E 103 -35.90 10.09 -31.68
C THR E 103 -35.50 9.40 -32.98
N GLY E 104 -34.47 9.92 -33.64
CA GLY E 104 -33.92 9.27 -34.83
C GLY E 104 -33.18 7.98 -34.50
N LEU E 105 -33.40 7.47 -33.29
CA LEU E 105 -32.77 6.24 -32.83
C LEU E 105 -33.80 5.15 -32.79
N GLY E 106 -35.04 5.53 -33.08
CA GLY E 106 -36.17 4.63 -32.97
C GLY E 106 -36.72 4.60 -31.56
N LEU E 107 -36.53 5.70 -30.82
CA LEU E 107 -36.93 5.80 -29.41
C LEU E 107 -37.77 7.04 -29.13
N GLN E 108 -38.56 6.96 -28.07
CA GLN E 108 -39.43 8.06 -27.67
C GLN E 108 -38.59 9.25 -27.14
N PRO E 109 -39.01 10.50 -27.45
CA PRO E 109 -38.25 11.63 -26.93
C PRO E 109 -38.24 11.67 -25.40
N LEU E 110 -37.12 12.12 -24.84
CA LEU E 110 -36.98 12.35 -23.41
C LEU E 110 -37.73 13.63 -22.99
N GLU E 111 -38.18 13.64 -21.74
CA GLU E 111 -38.61 14.89 -21.09
C GLU E 111 -37.98 15.10 -19.70
N MET E 112 -37.72 16.35 -19.36
CA MET E 112 -36.87 16.63 -18.24
C MET E 112 -37.55 17.62 -17.35
N GLY E 113 -37.39 17.46 -16.06
CA GLY E 113 -37.76 18.50 -15.15
C GLY E 113 -36.51 18.94 -14.42
N ILE E 114 -36.55 20.17 -13.91
CA ILE E 114 -35.42 20.76 -13.19
C ILE E 114 -35.96 21.52 -11.95
N GLY E 115 -35.31 21.33 -10.79
CA GLY E 115 -35.62 22.04 -9.53
C GLY E 115 -34.37 22.82 -9.10
N ILE E 116 -34.51 24.04 -8.60
CA ILE E 116 -33.36 24.88 -8.23
C ILE E 116 -33.68 25.48 -6.85
N ASN E 117 -32.76 25.28 -5.91
CA ASN E 117 -32.89 25.88 -4.59
C ASN E 117 -31.62 26.59 -4.24
N THR E 118 -31.73 27.62 -3.42
CA THR E 118 -30.60 28.38 -2.95
C THR E 118 -30.73 28.44 -1.43
N GLY E 119 -29.79 27.85 -0.71
CA GLY E 119 -29.85 27.91 0.74
C GLY E 119 -28.46 27.68 1.31
N GLU E 120 -28.40 27.36 2.61
CA GLU E 120 -27.14 27.09 3.28
C GLU E 120 -26.86 25.59 3.26
N VAL E 121 -25.60 25.25 2.92
CA VAL E 121 -25.16 23.85 2.83
C VAL E 121 -23.72 23.67 3.37
N VAL E 122 -23.46 22.50 3.94
CA VAL E 122 -22.11 22.08 4.32
C VAL E 122 -21.42 21.56 3.05
N VAL E 123 -20.21 22.05 2.78
CA VAL E 123 -19.44 21.62 1.62
C VAL E 123 -18.07 21.11 2.05
N GLY E 124 -17.59 20.12 1.33
CA GLY E 124 -16.30 19.52 1.61
C GLY E 124 -16.16 18.12 1.10
N ASN E 125 -14.91 17.66 1.15
CA ASN E 125 -14.51 16.35 0.64
C ASN E 125 -14.83 15.18 1.57
N ILE E 126 -15.58 14.24 1.01
CA ILE E 126 -16.28 13.19 1.73
C ILE E 126 -16.00 11.84 1.05
N GLY E 127 -15.97 10.77 1.84
CA GLY E 127 -15.73 9.43 1.31
C GLY E 127 -14.66 8.71 2.13
N SER E 128 -14.11 7.63 1.56
CA SER E 128 -12.99 6.90 2.14
C SER E 128 -11.64 7.54 1.74
N GLU E 129 -10.65 6.71 1.40
CA GLU E 129 -9.30 7.21 1.13
C GLU E 129 -8.95 7.15 -0.36
N LYS E 130 -9.17 6.01 -1.00
CA LYS E 130 -8.92 5.88 -2.44
C LYS E 130 -9.95 6.63 -3.29
N ARG E 131 -11.09 6.96 -2.67
CA ARG E 131 -12.11 7.77 -3.31
C ARG E 131 -12.78 8.70 -2.29
N THR E 132 -12.27 9.92 -2.20
CA THR E 132 -12.92 10.96 -1.41
C THR E 132 -13.51 11.98 -2.38
N LYS E 133 -14.83 11.87 -2.62
CA LYS E 133 -15.60 12.74 -3.52
C LYS E 133 -15.93 14.10 -2.87
N TYR E 134 -16.19 15.12 -3.71
CA TYR E 134 -16.47 16.50 -3.26
C TYR E 134 -17.97 16.70 -3.16
N GLY E 135 -18.52 16.63 -1.95
CA GLY E 135 -19.98 16.63 -1.77
C GLY E 135 -20.66 17.75 -1.01
N VAL E 136 -21.98 17.67 -0.93
CA VAL E 136 -22.79 18.65 -0.17
C VAL E 136 -23.76 17.99 0.79
N VAL E 137 -23.87 18.52 2.00
CA VAL E 137 -24.79 17.96 2.97
C VAL E 137 -25.75 19.02 3.50
N GLY E 138 -26.99 18.60 3.70
CA GLY E 138 -27.96 19.45 4.37
C GLY E 138 -29.32 19.40 3.73
N ALA E 139 -30.31 19.86 4.49
CA ALA E 139 -31.73 19.91 4.12
C ALA E 139 -32.05 20.59 2.78
N GLN E 140 -31.15 21.47 2.33
CA GLN E 140 -31.37 22.33 1.18
C GLN E 140 -31.01 21.65 -0.12
N VAL E 141 -30.17 20.61 -0.02
CA VAL E 141 -29.85 19.74 -1.15
C VAL E 141 -31.12 18.92 -1.34
N ASN E 142 -31.66 18.44 -0.23
CA ASN E 142 -32.87 17.62 -0.22
C ASN E 142 -34.11 18.35 -0.73
N LEU E 143 -34.27 19.61 -0.32
CA LEU E 143 -35.39 20.38 -0.81
C LEU E 143 -35.29 20.53 -2.32
N THR E 144 -34.10 20.77 -2.86
CA THR E 144 -33.95 20.91 -4.31
C THR E 144 -34.48 19.67 -5.09
N TYR E 145 -34.18 18.47 -4.65
CA TYR E 145 -34.86 17.23 -5.13
C TYR E 145 -36.36 17.24 -5.02
N ARG E 146 -36.85 17.59 -3.84
CA ARG E 146 -38.27 17.75 -3.62
C ARG E 146 -38.90 18.83 -4.54
N ILE E 147 -38.24 19.96 -4.81
CA ILE E 147 -38.73 20.99 -5.79
C ILE E 147 -38.94 20.39 -7.20
N GLU E 148 -38.01 19.55 -7.58
CA GLU E 148 -37.88 19.01 -8.93
C GLU E 148 -38.91 17.91 -9.18
N SER E 149 -39.35 17.25 -8.11
CA SER E 149 -40.30 16.15 -8.20
C SER E 149 -41.70 16.70 -8.52
N TYR E 150 -41.94 17.98 -8.24
CA TYR E 150 -43.19 18.62 -8.65
C TYR E 150 -43.27 19.00 -10.16
N THR E 151 -42.24 18.61 -10.91
CA THR E 151 -42.00 19.09 -12.25
C THR E 151 -42.61 18.10 -13.28
N THR E 152 -43.19 18.63 -14.37
CA THR E 152 -43.52 17.78 -15.56
C THR E 152 -42.50 18.10 -16.67
N GLY E 153 -42.71 17.53 -17.86
CA GLY E 153 -41.71 17.63 -18.92
C GLY E 153 -41.55 19.08 -19.28
N GLY E 154 -40.32 19.45 -19.59
CA GLY E 154 -40.05 20.80 -20.03
C GLY E 154 -40.15 21.93 -19.02
N GLN E 155 -40.38 21.61 -17.76
CA GLN E 155 -40.54 22.68 -16.81
C GLN E 155 -39.36 22.90 -15.83
N ILE E 156 -39.20 24.14 -15.36
CA ILE E 156 -38.17 24.45 -14.37
C ILE E 156 -38.83 25.16 -13.19
N PHE E 157 -38.67 24.57 -11.99
CA PHE E 157 -39.18 25.12 -10.71
C PHE E 157 -37.99 25.63 -9.85
N ILE E 158 -38.02 26.88 -9.44
CA ILE E 158 -36.95 27.44 -8.62
C ILE E 158 -37.56 27.94 -7.32
N SER E 159 -36.80 27.91 -6.24
CA SER E 159 -37.31 28.35 -4.94
C SER E 159 -37.39 29.85 -4.95
N SER E 160 -38.13 30.43 -3.99
CA SER E 160 -38.16 31.89 -3.80
C SER E 160 -36.82 32.50 -3.53
N THR E 161 -35.97 31.80 -2.78
CA THR E 161 -34.55 32.21 -2.50
C THR E 161 -33.65 32.25 -3.75
N THR E 162 -33.97 31.41 -4.74
CA THR E 162 -33.27 31.51 -6.03
C THR E 162 -33.72 32.69 -6.85
N LEU E 163 -35.01 33.01 -6.73
CA LEU E 163 -35.60 34.17 -7.39
C LEU E 163 -35.07 35.42 -6.71
N GLU E 164 -35.21 35.48 -5.39
CA GLU E 164 -34.49 36.49 -4.57
C GLU E 164 -33.04 36.74 -4.99
N ALA E 165 -32.24 35.68 -5.02
CA ALA E 165 -30.80 35.85 -5.26
C ALA E 165 -30.45 36.16 -6.74
N ALA E 166 -31.29 35.69 -7.66
CA ALA E 166 -31.03 35.88 -9.07
C ALA E 166 -31.57 37.23 -9.60
N GLY E 167 -32.57 37.78 -8.92
CA GLY E 167 -33.17 39.07 -9.31
C GLY E 167 -34.13 38.93 -10.47
N ASP E 168 -34.68 40.06 -10.92
CA ASP E 168 -35.78 40.08 -11.92
C ASP E 168 -35.37 39.85 -13.37
N ARG E 169 -34.11 39.63 -13.63
CA ARG E 169 -33.77 39.11 -14.94
C ARG E 169 -34.32 37.69 -15.16
N VAL E 170 -34.80 37.05 -14.09
CA VAL E 170 -35.49 35.76 -14.18
C VAL E 170 -36.95 36.01 -14.50
N HIS E 171 -37.40 35.55 -15.67
CA HIS E 171 -38.81 35.68 -16.03
C HIS E 171 -39.62 34.38 -15.62
N VAL E 172 -40.68 34.56 -14.81
CA VAL E 172 -41.41 33.45 -14.21
C VAL E 172 -42.88 33.46 -14.64
N ASN E 173 -43.41 32.27 -14.91
CA ASN E 173 -44.73 32.17 -15.49
C ASN E 173 -45.84 32.03 -14.47
N GLY E 174 -45.49 31.85 -13.21
CA GLY E 174 -46.47 31.63 -12.14
C GLY E 174 -45.87 30.81 -11.01
N ASN E 175 -46.65 30.63 -9.93
CA ASN E 175 -46.17 29.92 -8.74
C ASN E 175 -47.14 28.91 -8.10
N ARG E 176 -46.54 28.09 -7.25
CA ARG E 176 -47.14 26.95 -6.61
C ARG E 176 -46.45 27.00 -5.25
N THR E 177 -47.06 26.44 -4.24
CA THR E 177 -46.36 26.30 -2.97
C THR E 177 -46.10 24.81 -2.69
N VAL E 178 -45.05 24.54 -1.94
CA VAL E 178 -44.56 23.18 -1.75
C VAL E 178 -44.30 22.91 -0.26
N GLN E 179 -44.70 21.72 0.21
CA GLN E 179 -44.30 21.28 1.55
C GLN E 179 -44.16 19.77 1.66
N PRO E 180 -43.02 19.23 1.18
CA PRO E 180 -42.77 17.78 1.07
C PRO E 180 -42.55 17.08 2.42
N LYS E 181 -42.94 15.79 2.48
CA LYS E 181 -42.65 14.92 3.61
C LYS E 181 -41.26 15.26 4.15
N GLY E 182 -41.22 15.91 5.32
CA GLY E 182 -39.97 16.49 5.86
C GLY E 182 -40.03 17.97 6.20
N VAL E 183 -39.98 18.83 5.17
CA VAL E 183 -39.91 20.30 5.34
C VAL E 183 -40.99 20.83 6.30
N LYS E 184 -40.62 21.83 7.09
CA LYS E 184 -41.41 22.29 8.25
C LYS E 184 -42.26 23.51 7.90
N ASP E 185 -42.13 23.98 6.67
CA ASP E 185 -42.93 25.12 6.19
C ASP E 185 -43.17 25.04 4.69
N PRO E 186 -44.39 25.41 4.24
CA PRO E 186 -44.62 25.67 2.82
C PRO E 186 -43.66 26.73 2.26
N VAL E 187 -42.74 26.30 1.39
CA VAL E 187 -41.93 27.24 0.59
C VAL E 187 -42.58 27.41 -0.77
N VAL E 188 -42.59 28.65 -1.24
CA VAL E 188 -43.14 28.95 -2.55
C VAL E 188 -42.05 28.72 -3.59
N ILE E 189 -42.43 27.99 -4.65
CA ILE E 189 -41.55 27.74 -5.79
C ILE E 189 -42.08 28.46 -7.05
N TRP E 190 -41.19 28.71 -8.02
CA TRP E 190 -41.56 29.51 -9.17
C TRP E 190 -41.32 28.82 -10.50
N ASP E 191 -42.35 28.84 -11.36
CA ASP E 191 -42.24 28.29 -12.71
C ASP E 191 -41.63 29.31 -13.66
N VAL E 192 -40.51 28.93 -14.25
CA VAL E 192 -39.64 29.85 -14.99
C VAL E 192 -40.02 29.90 -16.47
N ALA E 193 -40.10 31.13 -17.01
CA ALA E 193 -40.41 31.40 -18.42
C ALA E 193 -39.12 31.51 -19.26
N GLY E 194 -38.18 32.27 -18.74
CA GLY E 194 -36.87 32.43 -19.38
C GLY E 194 -35.95 33.31 -18.57
N VAL E 195 -34.88 33.77 -19.21
CA VAL E 195 -33.90 34.67 -18.56
C VAL E 195 -33.53 35.83 -19.47
N GLY E 196 -33.39 37.00 -18.87
CA GLY E 196 -33.05 38.22 -19.60
C GLY E 196 -31.59 38.35 -19.95
N GLU E 197 -31.18 39.60 -20.11
CA GLU E 197 -29.86 39.95 -20.52
C GLU E 197 -28.90 39.47 -19.45
N PRO E 198 -27.71 38.95 -19.81
CA PRO E 198 -27.14 38.83 -21.17
C PRO E 198 -27.39 37.48 -21.83
N TYR E 199 -28.46 36.81 -21.41
CA TYR E 199 -28.79 35.46 -21.83
C TYR E 199 -29.86 35.45 -22.90
N ASN E 200 -30.92 36.23 -22.69
CA ASN E 200 -32.04 36.30 -23.63
C ASN E 200 -32.54 34.93 -24.11
N LEU E 201 -32.67 34.03 -23.14
CA LEU E 201 -33.15 32.66 -23.35
C LEU E 201 -34.56 32.48 -22.80
N SER E 202 -35.47 31.89 -23.58
CA SER E 202 -36.79 31.57 -23.07
C SER E 202 -37.35 30.22 -23.59
N LEU E 203 -38.25 29.61 -22.80
CA LEU E 203 -38.85 28.28 -23.09
C LEU E 203 -40.12 28.27 -24.00
N ALA E 204 -40.40 27.11 -24.60
CA ALA E 204 -41.51 26.94 -25.58
C ALA E 204 -42.10 25.52 -25.62
N VAL E 205 -43.33 25.41 -26.14
CA VAL E 205 -44.03 24.14 -26.36
C VAL E 205 -44.51 23.99 -27.82
N MET F 8 -20.58 -2.36 -18.84
CA MET F 8 -20.45 -2.64 -20.30
C MET F 8 -20.41 -1.31 -21.10
N GLY F 9 -20.80 -1.39 -22.38
CA GLY F 9 -21.41 -0.27 -23.08
C GLY F 9 -22.93 -0.53 -23.12
N GLY F 10 -23.41 -1.40 -22.23
CA GLY F 10 -24.84 -1.66 -22.05
C GLY F 10 -25.22 -3.12 -21.86
N ASP F 11 -25.74 -3.47 -20.68
CA ASP F 11 -26.15 -4.86 -20.35
C ASP F 11 -27.22 -4.96 -19.24
N ARG F 12 -28.25 -5.76 -19.48
CA ARG F 12 -29.28 -6.02 -18.48
C ARG F 12 -29.00 -7.34 -17.83
N ARG F 13 -28.93 -7.35 -16.51
CA ARG F 13 -28.64 -8.56 -15.76
C ARG F 13 -29.13 -8.43 -14.33
N PRO F 14 -29.21 -9.57 -13.60
CA PRO F 14 -29.66 -9.48 -12.23
C PRO F 14 -28.49 -9.06 -11.37
N ILE F 15 -28.75 -8.20 -10.41
CA ILE F 15 -27.72 -7.86 -9.44
C ILE F 15 -28.39 -7.51 -8.14
N THR F 16 -27.61 -7.64 -7.08
CA THR F 16 -28.12 -7.24 -5.79
C THR F 16 -27.66 -5.79 -5.49
N ILE F 17 -28.60 -4.93 -5.13
CA ILE F 17 -28.26 -3.53 -4.86
C ILE F 17 -28.35 -3.27 -3.37
N LEU F 18 -27.33 -2.62 -2.82
CA LEU F 18 -27.34 -2.21 -1.42
C LEU F 18 -27.28 -0.70 -1.28
N THR F 19 -28.19 -0.18 -0.47
CA THR F 19 -28.16 1.22 -0.15
C THR F 19 -28.35 1.46 1.37
N SER F 20 -27.48 2.33 1.92
CA SER F 20 -27.47 2.76 3.33
C SER F 20 -28.03 4.16 3.48
N ASP F 21 -28.58 4.47 4.66
CA ASP F 21 -29.16 5.78 4.96
C ASP F 21 -28.84 6.10 6.41
N LEU F 22 -28.46 7.33 6.68
CA LEU F 22 -28.31 7.76 8.08
C LEU F 22 -29.63 8.35 8.52
N ARG F 23 -30.48 7.52 9.13
CA ARG F 23 -31.84 7.89 9.55
C ARG F 23 -31.85 9.24 10.29
N GLY F 24 -32.24 10.30 9.57
CA GLY F 24 -32.35 11.63 10.17
C GLY F 24 -31.06 12.37 10.51
N PHE F 25 -29.93 11.99 9.88
CA PHE F 25 -28.65 12.73 10.07
C PHE F 25 -28.69 14.05 9.31
N THR F 26 -29.52 14.05 8.26
CA THR F 26 -29.87 15.19 7.40
C THR F 26 -30.35 16.35 8.22
N SER F 27 -31.28 16.10 9.15
CA SER F 27 -31.77 17.13 10.07
C SER F 27 -30.76 17.44 11.18
N THR F 28 -30.22 16.41 11.81
CA THR F 28 -29.12 16.54 12.77
C THR F 28 -27.96 17.44 12.31
N SER F 29 -27.62 17.39 11.02
CA SER F 29 -26.44 18.10 10.50
C SER F 29 -26.60 19.60 10.63
N GLU F 30 -27.84 20.06 10.42
CA GLU F 30 -28.25 21.47 10.40
C GLU F 30 -27.88 22.30 11.64
N GLY F 31 -27.84 21.69 12.83
CA GLY F 31 -27.38 22.39 14.03
C GLY F 31 -25.94 22.08 14.43
N LEU F 32 -25.19 21.47 13.52
CA LEU F 32 -23.80 21.04 13.75
C LEU F 32 -22.79 21.85 12.93
N ASN F 33 -21.62 22.10 13.51
CA ASN F 33 -20.55 22.84 12.81
C ASN F 33 -19.91 22.10 11.61
N PRO F 34 -19.61 22.83 10.51
CA PRO F 34 -19.04 22.32 9.25
C PRO F 34 -17.94 21.24 9.30
N GLU F 35 -16.82 21.57 9.94
CA GLU F 35 -15.59 20.76 9.87
C GLU F 35 -15.79 19.35 10.44
N GLU F 36 -16.79 19.22 11.33
CA GLU F 36 -17.07 18.01 12.09
C GLU F 36 -18.27 17.18 11.57
N VAL F 37 -19.12 17.79 10.73
CA VAL F 37 -20.13 17.07 9.94
C VAL F 37 -19.41 16.12 8.97
N VAL F 38 -18.36 16.64 8.30
CA VAL F 38 -17.52 15.84 7.38
C VAL F 38 -16.83 14.69 8.14
N LYS F 39 -16.45 14.99 9.39
CA LYS F 39 -15.76 14.01 10.23
C LYS F 39 -16.62 12.80 10.50
N VAL F 40 -17.81 13.04 11.03
CA VAL F 40 -18.78 11.98 11.28
C VAL F 40 -18.94 11.18 9.98
N LEU F 41 -19.14 11.90 8.88
CA LEU F 41 -19.27 11.29 7.54
C LEU F 41 -18.07 10.44 7.10
N ASN F 42 -16.86 10.91 7.38
CA ASN F 42 -15.65 10.15 7.03
C ASN F 42 -15.19 9.02 7.96
N ILE F 43 -15.48 9.09 9.25
CA ILE F 43 -15.42 7.89 10.10
C ILE F 43 -16.41 6.90 9.45
N TYR F 44 -17.62 7.37 9.18
CA TYR F 44 -18.70 6.55 8.64
C TYR F 44 -18.30 5.85 7.36
N PHE F 45 -17.92 6.61 6.33
CA PHE F 45 -17.64 6.02 5.03
C PHE F 45 -16.42 5.15 5.06
N GLY F 46 -15.42 5.56 5.83
CA GLY F 46 -14.10 4.89 5.88
C GLY F 46 -14.14 3.44 6.31
N LYS F 47 -14.71 3.17 7.47
CA LYS F 47 -14.99 1.79 7.80
C LYS F 47 -16.11 1.12 6.96
N MET F 48 -17.20 1.84 6.61
CA MET F 48 -18.23 1.24 5.77
C MET F 48 -17.64 0.70 4.44
N ALA F 49 -16.81 1.51 3.78
CA ALA F 49 -16.12 1.08 2.57
C ALA F 49 -15.33 -0.17 2.86
N ASP F 50 -14.57 -0.15 3.95
CA ASP F 50 -13.71 -1.25 4.36
C ASP F 50 -14.45 -2.58 4.41
N VAL F 51 -15.68 -2.59 4.92
CA VAL F 51 -16.45 -3.84 4.97
C VAL F 51 -17.04 -4.28 3.61
N ILE F 52 -17.29 -3.28 2.74
CA ILE F 52 -17.80 -3.43 1.37
C ILE F 52 -16.74 -4.05 0.44
N THR F 53 -15.54 -3.47 0.45
CA THR F 53 -14.39 -3.99 -0.31
C THR F 53 -14.11 -5.42 0.13
N HIS F 54 -14.08 -5.61 1.44
CA HIS F 54 -13.88 -6.91 2.04
C HIS F 54 -14.90 -7.95 1.52
N HIS F 55 -16.12 -7.52 1.19
CA HIS F 55 -17.14 -8.41 0.61
C HIS F 55 -17.28 -8.46 -0.92
N GLY F 56 -16.41 -7.79 -1.67
CA GLY F 56 -16.52 -7.84 -3.12
C GLY F 56 -17.52 -6.88 -3.74
N GLY F 57 -18.03 -5.95 -2.93
CA GLY F 57 -18.97 -4.93 -3.37
C GLY F 57 -18.35 -3.93 -4.34
N THR F 58 -19.19 -3.37 -5.22
CA THR F 58 -18.79 -2.23 -6.05
C THR F 58 -19.44 -0.96 -5.46
N ILE F 59 -18.62 -0.03 -4.98
CA ILE F 59 -19.21 1.22 -4.50
C ILE F 59 -19.57 2.13 -5.68
N ASP F 60 -20.85 2.40 -5.80
CA ASP F 60 -21.35 3.09 -6.98
C ASP F 60 -21.34 4.63 -6.81
N GLU F 61 -21.93 5.12 -5.72
CA GLU F 61 -21.76 6.52 -5.26
C GLU F 61 -21.88 6.65 -3.73
N PHE F 62 -21.18 7.64 -3.17
CA PHE F 62 -21.38 8.14 -1.82
C PHE F 62 -22.39 9.29 -1.90
N MET F 63 -23.59 9.11 -1.33
CA MET F 63 -24.52 10.22 -1.20
C MET F 63 -24.13 11.00 0.04
N GLY F 64 -24.89 12.03 0.37
CA GLY F 64 -24.65 12.78 1.61
C GLY F 64 -24.87 11.93 2.87
N ASP F 65 -26.10 11.46 3.08
CA ASP F 65 -26.40 10.56 4.22
C ASP F 65 -26.09 9.05 4.00
N GLY F 66 -25.58 8.67 2.83
CA GLY F 66 -25.46 7.25 2.50
C GLY F 66 -24.66 6.80 1.28
N ILE F 67 -24.64 5.48 1.07
CA ILE F 67 -23.76 4.83 0.08
C ILE F 67 -24.59 3.95 -0.85
N LEU F 68 -24.21 3.88 -2.13
CA LEU F 68 -24.85 2.91 -3.05
C LEU F 68 -23.88 1.81 -3.52
N VAL F 69 -24.26 0.55 -3.32
CA VAL F 69 -23.35 -0.62 -3.51
C VAL F 69 -23.96 -1.66 -4.46
N LEU F 70 -23.18 -2.10 -5.46
CA LEU F 70 -23.58 -3.15 -6.40
C LEU F 70 -22.85 -4.49 -6.21
N PHE F 71 -23.62 -5.56 -6.03
CA PHE F 71 -23.12 -6.93 -6.09
C PHE F 71 -23.69 -7.62 -7.36
N GLY F 72 -22.85 -7.71 -8.38
CA GLY F 72 -23.22 -8.34 -9.65
C GLY F 72 -22.80 -7.53 -10.86
N ALA F 73 -22.18 -6.38 -10.57
CA ALA F 73 -21.62 -5.51 -11.57
C ALA F 73 -20.34 -4.89 -11.01
N PRO F 74 -19.24 -4.85 -11.78
CA PRO F 74 -18.92 -5.40 -13.14
C PRO F 74 -19.03 -6.92 -13.29
N THR F 75 -18.75 -7.64 -12.21
CA THR F 75 -18.58 -9.09 -12.24
C THR F 75 -19.59 -9.76 -11.29
N SER F 76 -20.26 -10.78 -11.80
CA SER F 76 -21.30 -11.51 -11.07
C SER F 76 -20.72 -12.78 -10.44
N GLN F 77 -21.18 -13.14 -9.25
CA GLN F 77 -21.02 -14.51 -8.71
C GLN F 77 -22.38 -15.11 -8.32
N GLN F 78 -22.44 -16.42 -8.06
CA GLN F 78 -23.70 -17.05 -7.66
C GLN F 78 -24.17 -16.55 -6.28
N ASP F 79 -23.19 -16.28 -5.43
CA ASP F 79 -23.41 -15.92 -4.03
C ASP F 79 -23.51 -14.40 -3.81
N ASP F 80 -23.87 -13.67 -4.88
CA ASP F 80 -23.96 -12.21 -4.87
C ASP F 80 -24.96 -11.67 -3.87
N ALA F 81 -26.13 -12.34 -3.75
CA ALA F 81 -27.12 -11.91 -2.79
C ALA F 81 -26.69 -12.09 -1.34
N LEU F 82 -26.08 -13.25 -1.01
CA LEU F 82 -25.60 -13.55 0.36
C LEU F 82 -24.50 -12.61 0.77
N ARG F 83 -23.56 -12.38 -0.14
CA ARG F 83 -22.43 -11.51 0.11
C ARG F 83 -22.89 -10.11 0.46
N ALA F 84 -23.96 -9.69 -0.20
CA ALA F 84 -24.62 -8.42 0.02
C ALA F 84 -25.31 -8.38 1.40
N VAL F 85 -26.10 -9.42 1.72
CA VAL F 85 -26.74 -9.50 3.02
C VAL F 85 -25.70 -9.56 4.14
N ALA F 86 -24.62 -10.32 3.95
CA ALA F 86 -23.53 -10.39 4.92
C ALA F 86 -22.82 -9.06 5.07
N CYS F 87 -22.62 -8.36 3.96
CA CYS F 87 -22.04 -7.02 3.96
C CYS F 87 -22.93 -6.05 4.77
N GLY F 88 -24.25 -6.17 4.56
CA GLY F 88 -25.22 -5.37 5.29
C GLY F 88 -25.17 -5.63 6.79
N VAL F 89 -25.36 -6.89 7.15
CA VAL F 89 -25.36 -7.34 8.55
C VAL F 89 -24.12 -6.82 9.28
N GLU F 90 -22.95 -6.99 8.65
CA GLU F 90 -21.68 -6.49 9.17
C GLU F 90 -21.59 -4.98 9.22
N MET F 91 -22.10 -4.29 8.19
CA MET F 91 -22.10 -2.82 8.16
C MET F 91 -22.76 -2.23 9.40
N GLN F 92 -23.90 -2.83 9.78
CA GLN F 92 -24.63 -2.47 11.01
C GLN F 92 -23.89 -2.86 12.28
N LEU F 93 -23.17 -3.98 12.27
CA LEU F 93 -22.34 -4.34 13.43
C LEU F 93 -21.10 -3.44 13.46
N ALA F 94 -20.61 -3.06 12.29
CA ALA F 94 -19.47 -2.18 12.21
C ALA F 94 -19.82 -0.81 12.78
N LEU F 95 -21.06 -0.37 12.58
CA LEU F 95 -21.52 0.96 13.04
C LEU F 95 -21.42 1.14 14.57
N ARG F 96 -21.51 0.03 15.31
CA ARG F 96 -21.41 0.05 16.75
C ARG F 96 -20.06 0.64 17.14
N GLU F 97 -19.03 0.28 16.36
CA GLU F 97 -17.66 0.77 16.50
C GLU F 97 -17.51 2.23 16.12
N VAL F 98 -18.32 2.65 15.12
CA VAL F 98 -18.37 4.03 14.65
C VAL F 98 -18.98 4.90 15.75
N ASN F 99 -20.09 4.44 16.32
CA ASN F 99 -20.78 5.21 17.34
C ASN F 99 -20.04 5.37 18.65
N GLN F 100 -19.06 4.51 18.89
CA GLN F 100 -18.11 4.70 19.99
C GLN F 100 -17.33 6.00 19.75
N GLN F 101 -16.98 6.26 18.48
CA GLN F 101 -16.22 7.44 18.09
C GLN F 101 -17.08 8.72 18.12
N VAL F 102 -18.19 8.65 17.39
CA VAL F 102 -19.22 9.68 17.39
C VAL F 102 -19.63 10.11 18.82
N THR F 103 -20.01 9.14 19.66
CA THR F 103 -20.49 9.47 21.01
C THR F 103 -19.37 9.88 21.96
N GLY F 104 -18.14 9.62 21.52
CA GLY F 104 -16.96 10.10 22.21
C GLY F 104 -16.84 11.61 22.11
N LEU F 105 -16.62 12.10 20.89
CA LEU F 105 -16.40 13.53 20.60
C LEU F 105 -17.65 14.39 20.89
N GLY F 106 -18.58 13.83 21.68
CA GLY F 106 -19.66 14.60 22.29
C GLY F 106 -20.88 14.88 21.45
N LEU F 107 -21.37 13.87 20.75
CA LEU F 107 -22.66 13.97 20.07
C LEU F 107 -23.48 12.66 20.06
N GLN F 108 -24.54 12.63 19.26
CA GLN F 108 -25.56 11.60 19.36
C GLN F 108 -25.32 10.49 18.32
N PRO F 109 -25.48 9.21 18.73
CA PRO F 109 -25.09 8.06 17.88
C PRO F 109 -25.94 7.90 16.61
N LEU F 110 -25.29 7.44 15.53
CA LEU F 110 -25.90 7.30 14.20
C LEU F 110 -26.85 6.09 14.16
N GLU F 111 -28.01 6.31 13.53
CA GLU F 111 -28.99 5.25 13.30
C GLU F 111 -28.79 5.05 11.85
N MET F 112 -28.76 3.79 11.43
CA MET F 112 -28.67 3.58 9.99
C MET F 112 -29.63 2.50 9.54
N GLY F 113 -30.16 2.74 8.34
CA GLY F 113 -31.04 1.81 7.65
C GLY F 113 -30.28 1.25 6.47
N ILE F 114 -30.62 0.03 6.11
CA ILE F 114 -30.05 -0.60 4.94
C ILE F 114 -31.18 -1.25 4.16
N GLY F 115 -31.25 -0.95 2.87
CA GLY F 115 -32.21 -1.65 2.02
C GLY F 115 -31.39 -2.46 1.04
N ILE F 116 -31.80 -3.68 0.80
CA ILE F 116 -31.08 -4.49 -0.16
C ILE F 116 -32.18 -4.99 -1.06
N ASN F 117 -31.90 -5.10 -2.36
CA ASN F 117 -32.84 -5.62 -3.36
C ASN F 117 -32.12 -6.34 -4.52
N THR F 118 -32.69 -7.45 -4.98
CA THR F 118 -32.16 -8.20 -6.11
C THR F 118 -33.10 -8.06 -7.29
N GLY F 119 -32.57 -7.62 -8.43
CA GLY F 119 -33.32 -7.68 -9.66
C GLY F 119 -32.54 -7.25 -10.87
N GLU F 120 -33.22 -7.23 -12.02
CA GLU F 120 -32.60 -6.87 -13.30
C GLU F 120 -32.56 -5.39 -13.44
N VAL F 121 -31.44 -4.93 -13.97
CA VAL F 121 -31.20 -3.50 -14.20
C VAL F 121 -30.37 -3.39 -15.46
N VAL F 122 -30.18 -2.16 -15.92
CA VAL F 122 -29.20 -1.90 -16.95
C VAL F 122 -27.91 -1.42 -16.25
N VAL F 123 -26.78 -2.02 -16.61
CA VAL F 123 -25.48 -1.54 -16.19
C VAL F 123 -24.64 -1.15 -17.41
N GLY F 124 -23.75 -0.18 -17.20
CA GLY F 124 -22.86 0.31 -18.25
C GLY F 124 -22.14 1.56 -17.80
N ASN F 125 -21.19 2.02 -18.60
CA ASN F 125 -20.53 3.29 -18.34
C ASN F 125 -21.34 4.48 -18.92
N ILE F 126 -21.74 5.39 -18.02
CA ILE F 126 -22.52 6.60 -18.33
C ILE F 126 -21.76 7.88 -18.01
N GLY F 127 -21.97 8.90 -18.83
CA GLY F 127 -21.38 10.20 -18.59
C GLY F 127 -21.00 10.95 -19.85
N SER F 128 -20.18 11.97 -19.67
CA SER F 128 -19.64 12.74 -20.78
C SER F 128 -18.45 12.07 -21.44
N GLU F 129 -17.73 12.85 -22.26
CA GLU F 129 -16.33 12.58 -22.60
C GLU F 129 -15.53 12.81 -21.31
N LYS F 130 -15.64 14.02 -20.75
CA LYS F 130 -14.92 14.41 -19.53
C LYS F 130 -15.18 13.47 -18.37
N ARG F 131 -16.46 13.27 -18.04
CA ARG F 131 -16.87 12.45 -16.90
C ARG F 131 -17.41 11.12 -17.40
N THR F 132 -17.12 10.04 -16.69
CA THR F 132 -17.58 8.72 -17.12
C THR F 132 -17.57 7.70 -15.99
N LYS F 133 -18.74 7.44 -15.38
CA LYS F 133 -18.89 6.41 -14.35
C LYS F 133 -19.72 5.18 -14.75
N TYR F 134 -19.30 4.02 -14.24
CA TYR F 134 -20.04 2.76 -14.28
C TYR F 134 -21.33 2.82 -13.45
N GLY F 135 -22.46 2.79 -14.15
CA GLY F 135 -23.76 3.05 -13.54
C GLY F 135 -24.87 2.02 -13.72
N VAL F 136 -25.87 2.16 -12.86
CA VAL F 136 -26.99 1.29 -12.89
C VAL F 136 -28.20 2.20 -13.10
N VAL F 137 -29.26 1.66 -13.70
CA VAL F 137 -30.46 2.36 -14.13
C VAL F 137 -31.62 1.35 -14.08
N GLY F 138 -32.74 1.79 -13.53
CA GLY F 138 -33.94 0.98 -13.58
C GLY F 138 -34.74 1.05 -12.33
N ALA F 139 -35.99 0.62 -12.44
CA ALA F 139 -36.93 0.69 -11.34
C ALA F 139 -36.43 -0.07 -10.10
N GLN F 140 -35.70 -1.16 -10.35
CA GLN F 140 -35.23 -2.02 -9.29
C GLN F 140 -34.16 -1.32 -8.44
N VAL F 141 -33.50 -0.28 -8.97
CA VAL F 141 -32.54 0.46 -8.12
C VAL F 141 -33.25 1.48 -7.25
N ASN F 142 -34.37 1.97 -7.74
CA ASN F 142 -35.21 2.83 -6.94
C ASN F 142 -36.01 2.06 -5.93
N LEU F 143 -36.35 0.81 -6.26
CA LEU F 143 -37.04 -0.04 -5.29
C LEU F 143 -36.19 -0.22 -4.04
N THR F 144 -34.88 -0.31 -4.21
CA THR F 144 -34.05 -0.58 -3.05
C THR F 144 -33.99 0.68 -2.17
N TYR F 145 -34.24 1.84 -2.79
CA TYR F 145 -34.21 3.14 -2.12
C TYR F 145 -35.37 3.33 -1.20
N ARG F 146 -36.52 2.77 -1.58
CA ARG F 146 -37.74 2.86 -0.82
C ARG F 146 -38.01 1.66 0.09
N ILE F 147 -37.47 0.49 -0.25
CA ILE F 147 -37.41 -0.66 0.66
C ILE F 147 -36.61 -0.30 1.92
N GLU F 148 -35.48 0.34 1.69
CA GLU F 148 -34.67 0.87 2.74
C GLU F 148 -35.56 1.72 3.65
N SER F 149 -36.25 2.70 3.08
CA SER F 149 -37.07 3.65 3.86
C SER F 149 -37.89 3.06 5.01
N TYR F 150 -38.48 1.88 4.81
CA TYR F 150 -39.38 1.30 5.78
C TYR F 150 -38.69 0.75 7.02
N THR F 151 -37.35 0.72 6.99
CA THR F 151 -36.53 0.41 8.18
C THR F 151 -36.62 1.58 9.18
N THR F 152 -36.37 1.27 10.45
CA THR F 152 -35.90 2.28 11.43
C THR F 152 -34.42 1.97 11.68
N GLY F 153 -33.84 2.51 12.75
CA GLY F 153 -32.41 2.34 13.03
C GLY F 153 -31.95 0.92 13.37
N GLY F 154 -30.99 0.42 12.60
CA GLY F 154 -30.38 -0.86 12.91
C GLY F 154 -30.98 -1.99 12.11
N GLN F 155 -31.85 -1.62 11.16
CA GLN F 155 -32.58 -2.61 10.36
C GLN F 155 -31.93 -2.96 9.02
N ILE F 156 -32.11 -4.21 8.61
CA ILE F 156 -31.86 -4.55 7.25
C ILE F 156 -33.19 -5.03 6.69
N PHE F 157 -33.76 -4.25 5.79
CA PHE F 157 -34.87 -4.76 5.04
C PHE F 157 -34.28 -5.21 3.68
N ILE F 158 -34.53 -6.46 3.34
CA ILE F 158 -34.08 -6.95 2.08
C ILE F 158 -35.36 -7.32 1.38
N SER F 159 -35.33 -7.56 0.07
CA SER F 159 -36.52 -8.02 -0.66
C SER F 159 -36.76 -9.54 -0.66
N SER F 160 -37.98 -9.90 -1.08
CA SER F 160 -38.37 -11.27 -1.41
C SER F 160 -37.50 -11.89 -2.52
N THR F 161 -36.92 -11.07 -3.39
CA THR F 161 -36.03 -11.61 -4.39
C THR F 161 -34.61 -11.82 -3.81
N THR F 162 -34.23 -10.91 -2.90
CA THR F 162 -32.97 -10.97 -2.18
C THR F 162 -32.93 -12.19 -1.24
N LEU F 163 -33.94 -12.32 -0.38
CA LEU F 163 -33.94 -13.41 0.56
C LEU F 163 -33.85 -14.74 -0.18
N GLU F 164 -34.54 -14.83 -1.33
CA GLU F 164 -34.64 -16.12 -2.02
C GLU F 164 -33.32 -16.43 -2.67
N ALA F 165 -32.63 -15.38 -3.13
CA ALA F 165 -31.35 -15.51 -3.79
C ALA F 165 -30.23 -15.82 -2.82
N ALA F 166 -30.20 -15.14 -1.67
CA ALA F 166 -29.20 -15.46 -0.66
C ALA F 166 -29.48 -16.83 -0.06
N GLY F 167 -30.74 -17.04 0.28
CA GLY F 167 -31.15 -18.30 0.83
C GLY F 167 -31.12 -18.36 2.34
N ASP F 168 -31.16 -19.60 2.81
CA ASP F 168 -31.48 -19.95 4.18
C ASP F 168 -30.41 -19.56 5.19
N ARG F 169 -29.31 -19.02 4.70
CA ARG F 169 -28.21 -18.62 5.56
C ARG F 169 -28.37 -17.21 6.07
N VAL F 170 -29.34 -16.50 5.48
CA VAL F 170 -29.80 -15.20 5.96
C VAL F 170 -30.92 -15.52 6.97
N HIS F 171 -30.69 -15.12 8.21
CA HIS F 171 -31.57 -15.45 9.30
C HIS F 171 -32.59 -14.31 9.44
N VAL F 172 -33.87 -14.63 9.25
CA VAL F 172 -34.93 -13.62 9.13
C VAL F 172 -35.88 -13.50 10.33
N ASN F 173 -36.41 -12.30 10.54
CA ASN F 173 -37.43 -12.01 11.57
C ASN F 173 -38.88 -12.03 11.06
N GLY F 174 -39.36 -10.84 10.69
CA GLY F 174 -40.77 -10.61 10.43
C GLY F 174 -41.05 -9.77 9.19
N ASN F 175 -41.54 -10.45 8.16
CA ASN F 175 -41.89 -9.79 6.91
C ASN F 175 -43.04 -8.81 7.04
N ARG F 176 -42.88 -7.65 6.38
CA ARG F 176 -44.01 -6.79 6.03
C ARG F 176 -44.41 -7.12 4.59
N THR F 177 -45.67 -6.88 4.25
CA THR F 177 -46.08 -6.77 2.87
C THR F 177 -46.58 -5.33 2.66
N VAL F 178 -45.85 -4.58 1.84
CA VAL F 178 -46.06 -3.13 1.73
C VAL F 178 -46.23 -2.67 0.29
N GLN F 179 -47.28 -1.89 0.01
CA GLN F 179 -47.40 -1.20 -1.27
C GLN F 179 -46.78 0.21 -1.20
N PRO F 180 -45.67 0.42 -1.93
CA PRO F 180 -44.95 1.69 -1.97
C PRO F 180 -45.56 2.71 -2.93
N LYS F 181 -45.23 3.99 -2.73
CA LYS F 181 -45.60 5.09 -3.63
C LYS F 181 -45.22 4.87 -5.09
N GLY F 182 -46.24 4.63 -5.93
CA GLY F 182 -46.02 4.39 -7.37
C GLY F 182 -45.49 3.02 -7.70
N VAL F 183 -46.07 1.99 -7.08
CA VAL F 183 -45.81 0.57 -7.40
C VAL F 183 -47.14 -0.18 -7.39
N LYS F 184 -47.35 -0.99 -8.44
CA LYS F 184 -48.63 -1.70 -8.67
C LYS F 184 -49.13 -2.55 -7.47
N ASP F 185 -48.48 -3.67 -7.21
CA ASP F 185 -48.79 -4.54 -6.07
C ASP F 185 -47.84 -4.32 -4.86
N PRO F 186 -48.22 -4.81 -3.66
CA PRO F 186 -47.30 -4.76 -2.50
C PRO F 186 -46.03 -5.61 -2.69
N VAL F 187 -44.91 -5.15 -2.12
CA VAL F 187 -43.71 -5.99 -2.05
C VAL F 187 -43.55 -6.52 -0.62
N VAL F 188 -43.31 -7.83 -0.50
CA VAL F 188 -43.09 -8.46 0.79
C VAL F 188 -41.63 -8.26 1.16
N ILE F 189 -41.39 -7.33 2.09
CA ILE F 189 -40.05 -7.12 2.66
C ILE F 189 -39.80 -8.23 3.68
N TRP F 190 -38.53 -8.56 3.90
CA TRP F 190 -38.12 -9.43 4.99
C TRP F 190 -37.07 -8.72 5.85
N ASP F 191 -37.31 -8.71 7.17
CA ASP F 191 -36.36 -8.17 8.14
C ASP F 191 -35.22 -9.18 8.42
N VAL F 192 -33.98 -8.68 8.43
CA VAL F 192 -32.79 -9.53 8.56
C VAL F 192 -32.24 -9.50 9.98
N ALA F 193 -32.04 -10.69 10.55
CA ALA F 193 -31.57 -10.89 11.90
C ALA F 193 -30.08 -11.24 11.97
N GLY F 194 -29.63 -12.13 11.08
CA GLY F 194 -28.21 -12.48 10.97
C GLY F 194 -27.90 -13.28 9.73
N VAL F 195 -26.60 -13.50 9.44
CA VAL F 195 -26.14 -14.48 8.39
C VAL F 195 -25.24 -15.62 8.94
N GLY F 196 -25.50 -16.83 8.46
CA GLY F 196 -24.78 -18.03 8.89
C GLY F 196 -23.43 -18.27 8.22
N GLU F 197 -23.05 -19.53 8.09
CA GLU F 197 -21.70 -19.87 7.63
C GLU F 197 -21.40 -19.42 6.19
N PRO F 198 -20.15 -18.97 5.91
CA PRO F 198 -19.00 -18.87 6.80
C PRO F 198 -18.86 -17.54 7.56
N TYR F 199 -19.90 -16.72 7.48
CA TYR F 199 -19.89 -15.34 8.04
C TYR F 199 -20.13 -15.29 9.54
N ASN F 200 -21.19 -15.96 9.97
CA ASN F 200 -21.59 -16.06 11.39
C ASN F 200 -21.68 -14.70 12.08
N LEU F 201 -22.52 -13.83 11.52
CA LEU F 201 -22.77 -12.52 12.13
C LEU F 201 -24.25 -12.34 12.48
N SER F 202 -24.51 -11.87 13.70
CA SER F 202 -25.87 -11.55 14.15
C SER F 202 -25.96 -10.15 14.72
N LEU F 203 -27.13 -9.53 14.58
CA LEU F 203 -27.46 -8.22 15.14
C LEU F 203 -28.24 -8.40 16.44
N ALA F 204 -29.01 -9.49 16.51
CA ALA F 204 -29.86 -9.83 17.67
C ALA F 204 -29.14 -9.89 19.02
#